data_6B1M
#
_entry.id   6B1M
#
_cell.length_a   73.809
_cell.length_b   78.253
_cell.length_c   75.855
_cell.angle_alpha   90.00
_cell.angle_beta   101.42
_cell.angle_gamma   90.00
#
_symmetry.space_group_name_H-M   'P 1 21 1'
#
loop_
_entity.id
_entity.type
_entity.pdbx_description
1 polymer 'Heat shock protein family A (Hsp70) member 8'
2 non-polymer 'PHOSPHOAMINOPHOSPHONIC ACID-ADENYLATE ESTER'
3 non-polymer 'MAGNESIUM ION'
4 non-polymer GLYCEROL
5 water water
#
_entity_poly.entity_id   1
_entity_poly.type   'polypeptide(L)'
_entity_poly.pdbx_seq_one_letter_code
;MGSSHHHHHHSSGLVPRGSHMASPAVGIDLGTTYSWVGVFQHGKVEIIANDQGNRTTPSYVAFTDTERLIGDAAKNQVAM
NPTNTVFDAKRLIGRRFDDAVVQSDMKHWPFMVVNDAGRPKVQVEYKGETKSFYPEEVSSMVLTKMKEIAEAYLGKTVTN
AVVTVPAYFNDSQRQATKDAGTIAGLNVLRIINEPTAAAIAYGLDKKVGAERNVLIFDLGGGTFDVSILTIEDGIFEVKS
TAGDTHLGGEDFDNRMVNHFIAEFKRKHKKDISENKRAVRRLRTACERAKRTLSSSTQASIEIDSLYEGIDFYTSITRAR
FEELNADLFRGTLDPVEKALRDAKLDKSQIHDIVLVGGSTRIPKIQKLLQDFFNGKELNKSINPDEAVAYGAAVQAAILS
;
_entity_poly.pdbx_strand_id   B,A
#
# COMPACT_ATOMS: atom_id res chain seq x y z
N SER A 23 13.88 -4.96 48.58
CA SER A 23 12.82 -5.42 47.69
C SER A 23 12.90 -4.76 46.31
N PRO A 24 13.90 -5.13 45.51
CA PRO A 24 14.04 -4.53 44.19
C PRO A 24 13.34 -5.36 43.11
N ALA A 25 12.30 -4.81 42.52
CA ALA A 25 11.53 -5.50 41.51
C ALA A 25 11.86 -4.92 40.13
N VAL A 26 11.84 -5.78 39.11
CA VAL A 26 12.17 -5.37 37.74
C VAL A 26 10.93 -5.51 36.88
N GLY A 27 10.90 -4.72 35.80
CA GLY A 27 9.88 -4.83 34.77
C GLY A 27 10.50 -5.42 33.52
N ILE A 28 9.85 -6.45 32.98
CA ILE A 28 10.41 -7.23 31.89
C ILE A 28 9.44 -7.23 30.72
N ASP A 29 9.93 -6.77 29.57
CA ASP A 29 9.20 -6.80 28.31
C ASP A 29 9.77 -7.96 27.50
N LEU A 30 9.02 -9.04 27.44
CA LEU A 30 9.41 -10.23 26.70
C LEU A 30 8.83 -10.10 25.29
N GLY A 31 9.65 -9.63 24.35
CA GLY A 31 9.15 -9.39 23.01
C GLY A 31 9.36 -10.56 22.09
N THR A 32 8.70 -10.52 20.94
CA THR A 32 8.84 -11.60 19.98
C THR A 32 10.26 -11.69 19.47
N THR A 33 10.91 -10.54 19.24
CA THR A 33 12.26 -10.50 18.70
C THR A 33 13.31 -10.08 19.71
N TYR A 34 13.00 -9.13 20.61
CA TYR A 34 13.95 -8.63 21.60
C TYR A 34 13.29 -8.54 22.97
N SER A 35 14.11 -8.63 24.02
CA SER A 35 13.64 -8.54 25.40
C SER A 35 14.39 -7.47 26.17
N TRP A 36 13.67 -6.74 27.01
CA TRP A 36 14.16 -5.59 27.75
C TRP A 36 13.83 -5.74 29.23
N VAL A 37 14.71 -5.28 30.10
CA VAL A 37 14.49 -5.34 31.54
C VAL A 37 14.87 -3.99 32.15
N GLY A 38 13.98 -3.45 33.00
CA GLY A 38 14.22 -2.18 33.62
C GLY A 38 13.97 -2.26 35.13
N VAL A 39 14.45 -1.23 35.83
CA VAL A 39 14.23 -1.14 37.26
C VAL A 39 13.99 0.33 37.58
N PHE A 40 13.01 0.60 38.45
CA PHE A 40 12.73 1.95 38.90
C PHE A 40 13.39 2.13 40.25
N GLN A 41 14.37 3.04 40.32
CA GLN A 41 15.07 3.27 41.57
C GLN A 41 15.34 4.76 41.75
N HIS A 42 15.09 5.26 42.96
CA HIS A 42 15.39 6.65 43.30
C HIS A 42 14.80 7.63 42.30
N GLY A 43 13.57 7.35 41.87
CA GLY A 43 12.85 8.27 41.01
C GLY A 43 13.23 8.21 39.54
N LYS A 44 13.98 7.21 39.10
CA LYS A 44 14.37 7.09 37.70
C LYS A 44 14.28 5.63 37.28
N VAL A 45 13.88 5.42 36.02
CA VAL A 45 13.88 4.08 35.45
C VAL A 45 15.21 3.86 34.73
N GLU A 46 15.93 2.80 35.10
CA GLU A 46 17.10 2.36 34.38
C GLU A 46 16.71 1.16 33.53
N ILE A 47 16.93 1.28 32.22
CA ILE A 47 16.81 0.15 31.31
C ILE A 47 18.18 -0.51 31.29
N ILE A 48 18.26 -1.76 31.75
CA ILE A 48 19.52 -2.31 32.21
C ILE A 48 20.30 -2.89 31.05
N ALA A 49 21.55 -2.43 30.89
CA ALA A 49 22.45 -2.96 29.87
C ALA A 49 23.18 -4.19 30.40
N ASN A 50 23.55 -5.08 29.49
CA ASN A 50 24.30 -6.27 29.86
C ASN A 50 25.79 -5.91 30.01
N ASP A 51 26.64 -6.92 30.17
CA ASP A 51 28.06 -6.69 30.42
C ASP A 51 28.79 -6.08 29.22
N GLN A 52 28.24 -6.22 28.02
CA GLN A 52 28.79 -5.59 26.83
C GLN A 52 28.16 -4.24 26.54
N GLY A 53 27.38 -3.69 27.46
CA GLY A 53 26.74 -2.41 27.26
C GLY A 53 25.50 -2.42 26.38
N ASN A 54 24.96 -3.60 26.05
CA ASN A 54 23.79 -3.69 25.19
C ASN A 54 22.53 -3.75 26.03
N ARG A 55 21.60 -2.83 25.80
CA ARG A 55 20.37 -2.79 26.59
C ARG A 55 19.30 -3.77 26.12
N THR A 56 19.59 -4.60 25.11
CA THR A 56 18.56 -5.49 24.59
C THR A 56 19.13 -6.89 24.44
N THR A 57 18.26 -7.87 24.63
CA THR A 57 18.61 -9.29 24.53
C THR A 57 17.73 -9.92 23.47
N PRO A 58 18.27 -10.38 22.34
CA PRO A 58 17.44 -11.09 21.36
C PRO A 58 16.73 -12.28 22.00
N SER A 59 15.48 -12.51 21.60
CA SER A 59 14.69 -13.62 22.13
C SER A 59 15.07 -14.93 21.41
N TYR A 60 16.35 -15.29 21.55
CA TYR A 60 16.91 -16.45 20.88
C TYR A 60 17.55 -17.39 21.89
N VAL A 61 17.36 -18.67 21.69
CA VAL A 61 18.03 -19.71 22.47
C VAL A 61 18.56 -20.75 21.49
N ALA A 62 19.81 -21.17 21.70
CA ALA A 62 20.45 -22.15 20.82
C ALA A 62 21.10 -23.25 21.63
N PHE A 63 21.21 -24.41 21.01
CA PHE A 63 21.77 -25.61 21.61
C PHE A 63 22.84 -26.18 20.69
N THR A 64 24.00 -26.47 21.24
CA THR A 64 25.13 -26.98 20.47
C THR A 64 25.60 -28.30 21.07
N ASP A 65 26.73 -28.80 20.55
CA ASP A 65 27.35 -30.00 21.10
C ASP A 65 27.75 -29.83 22.55
N THR A 66 28.00 -28.60 22.99
CA THR A 66 28.60 -28.38 24.31
C THR A 66 27.87 -27.38 25.20
N GLU A 67 27.06 -26.47 24.65
CA GLU A 67 26.53 -25.41 25.50
C GLU A 67 25.16 -24.98 25.02
N ARG A 68 24.47 -24.24 25.90
CA ARG A 68 23.22 -23.57 25.61
C ARG A 68 23.52 -22.09 25.49
N LEU A 69 23.16 -21.49 24.37
CA LEU A 69 23.41 -20.08 24.11
C LEU A 69 22.11 -19.30 24.19
N ILE A 70 22.19 -18.10 24.75
CA ILE A 70 21.02 -17.23 24.94
C ILE A 70 21.35 -15.85 24.37
N GLY A 71 20.37 -15.24 23.68
CA GLY A 71 20.50 -13.88 23.20
C GLY A 71 21.41 -13.70 22.00
N ASP A 72 22.29 -12.68 22.03
CA ASP A 72 23.13 -12.43 20.87
C ASP A 72 24.09 -13.59 20.61
N ALA A 73 24.52 -14.31 21.65
CA ALA A 73 25.37 -15.47 21.43
C ALA A 73 24.66 -16.51 20.59
N ALA A 74 23.36 -16.71 20.85
CA ALA A 74 22.55 -17.64 20.07
C ALA A 74 22.25 -17.10 18.68
N LYS A 75 21.88 -15.82 18.58
CA LYS A 75 21.56 -15.24 17.28
C LYS A 75 22.79 -15.25 16.36
N ASN A 76 23.98 -15.02 16.91
CA ASN A 76 25.16 -14.86 16.07
C ASN A 76 25.57 -16.15 15.36
N GLN A 77 25.12 -17.32 15.81
CA GLN A 77 25.49 -18.57 15.15
C GLN A 77 24.32 -19.24 14.46
N VAL A 78 23.23 -18.50 14.21
CA VAL A 78 22.03 -19.12 13.66
C VAL A 78 22.29 -19.68 12.26
N ALA A 79 23.09 -19.00 11.44
CA ALA A 79 23.33 -19.51 10.09
C ALA A 79 24.09 -20.83 10.09
N MET A 80 24.94 -21.05 11.10
CA MET A 80 25.71 -22.28 11.19
C MET A 80 24.94 -23.42 11.85
N ASN A 81 23.93 -23.12 12.66
CA ASN A 81 23.24 -24.11 13.47
C ASN A 81 21.72 -23.90 13.39
N PRO A 82 21.16 -23.84 12.18
CA PRO A 82 19.78 -23.32 12.07
C PRO A 82 18.72 -24.20 12.72
N THR A 83 18.86 -25.54 12.67
CA THR A 83 17.80 -26.39 13.20
C THR A 83 17.81 -26.48 14.73
N ASN A 84 18.85 -25.99 15.40
CA ASN A 84 18.92 -26.03 16.86
C ASN A 84 18.87 -24.64 17.49
N THR A 85 18.64 -23.60 16.69
CA THR A 85 18.52 -22.23 17.18
C THR A 85 17.04 -21.86 17.18
N VAL A 86 16.51 -21.57 18.36
CA VAL A 86 15.08 -21.39 18.58
C VAL A 86 14.78 -19.91 18.76
N PHE A 87 13.70 -19.45 18.13
CA PHE A 87 13.22 -18.08 18.28
C PHE A 87 11.70 -18.11 18.17
N ASP A 88 11.06 -16.95 18.30
CA ASP A 88 9.61 -16.82 18.11
C ASP A 88 8.81 -17.64 19.12
N ALA A 89 9.39 -18.03 20.25
CA ALA A 89 8.62 -18.81 21.23
C ALA A 89 7.38 -18.05 21.70
N LYS A 90 7.38 -16.72 21.61
CA LYS A 90 6.19 -15.96 22.01
C LYS A 90 5.00 -16.28 21.12
N ARG A 91 5.22 -16.71 19.86
CA ARG A 91 4.11 -17.10 19.01
C ARG A 91 3.51 -18.46 19.40
N LEU A 92 4.24 -19.26 20.17
CA LEU A 92 3.78 -20.58 20.60
C LEU A 92 3.25 -20.60 22.03
N ILE A 93 3.63 -19.64 22.87
CA ILE A 93 3.42 -19.76 24.30
C ILE A 93 1.92 -19.73 24.60
N GLY A 94 1.48 -20.66 25.44
CA GLY A 94 0.09 -20.74 25.84
C GLY A 94 -0.85 -21.32 24.81
N ARG A 95 -0.36 -21.77 23.66
CA ARG A 95 -1.22 -22.27 22.61
C ARG A 95 -1.18 -23.79 22.57
N ARG A 96 -2.14 -24.39 21.88
CA ARG A 96 -2.15 -25.83 21.70
C ARG A 96 -1.63 -26.16 20.30
N PHE A 97 -1.22 -27.43 20.14
CA PHE A 97 -0.51 -27.82 18.92
C PHE A 97 -1.39 -27.71 17.68
N ASP A 98 -2.67 -28.06 17.80
CA ASP A 98 -3.55 -28.02 16.64
C ASP A 98 -4.07 -26.63 16.33
N ASP A 99 -3.74 -25.63 17.15
CA ASP A 99 -4.10 -24.24 16.89
C ASP A 99 -3.63 -23.84 15.49
N ALA A 100 -4.54 -23.25 14.70
CA ALA A 100 -4.23 -22.91 13.33
C ALA A 100 -3.04 -21.95 13.26
N VAL A 101 -2.94 -21.02 14.21
CA VAL A 101 -1.78 -20.14 14.28
C VAL A 101 -0.48 -20.97 14.31
N VAL A 102 -0.43 -21.96 15.20
CA VAL A 102 0.79 -22.76 15.36
C VAL A 102 1.10 -23.52 14.09
N GLN A 103 0.08 -24.15 13.49
CA GLN A 103 0.29 -24.96 12.28
C GLN A 103 0.75 -24.09 11.11
N SER A 104 0.30 -22.84 11.05
CA SER A 104 0.75 -21.94 10.00
C SER A 104 2.18 -21.48 10.24
N ASP A 105 2.49 -21.06 11.47
CA ASP A 105 3.84 -20.57 11.78
C ASP A 105 4.91 -21.65 11.66
N MET A 106 4.56 -22.92 11.92
CA MET A 106 5.54 -24.00 11.85
C MET A 106 6.18 -24.11 10.47
N LYS A 107 5.44 -23.72 9.43
CA LYS A 107 5.96 -23.83 8.07
C LYS A 107 7.13 -22.89 7.81
N HIS A 108 7.29 -21.85 8.63
CA HIS A 108 8.34 -20.85 8.45
C HIS A 108 9.51 -21.01 9.41
N TRP A 109 9.49 -22.01 10.31
CA TRP A 109 10.59 -22.17 11.25
C TRP A 109 11.51 -23.31 10.82
N PRO A 110 12.83 -23.12 10.89
CA PRO A 110 13.76 -24.22 10.56
C PRO A 110 13.91 -25.25 11.68
N PHE A 111 13.42 -24.96 12.88
CA PHE A 111 13.44 -25.94 13.95
C PHE A 111 12.14 -26.74 13.98
N MET A 112 12.21 -27.91 14.61
CA MET A 112 11.08 -28.81 14.70
C MET A 112 10.15 -28.39 15.84
N VAL A 113 8.85 -28.44 15.58
CA VAL A 113 7.82 -28.36 16.61
C VAL A 113 7.05 -29.67 16.59
N VAL A 114 6.99 -30.33 17.75
CA VAL A 114 6.31 -31.62 17.87
C VAL A 114 5.10 -31.46 18.78
N ASN A 115 4.21 -32.46 18.70
CA ASN A 115 3.02 -32.52 19.52
C ASN A 115 3.30 -33.43 20.71
N ASP A 116 3.15 -32.89 21.92
CA ASP A 116 3.19 -33.70 23.14
C ASP A 116 1.84 -33.57 23.82
N ALA A 117 0.96 -34.55 23.55
CA ALA A 117 -0.34 -34.65 24.22
C ALA A 117 -1.18 -33.38 24.04
N GLY A 118 -1.16 -32.84 22.82
CA GLY A 118 -1.90 -31.64 22.51
C GLY A 118 -1.14 -30.35 22.67
N ARG A 119 0.05 -30.37 23.28
CA ARG A 119 0.83 -29.17 23.52
C ARG A 119 2.05 -29.14 22.61
N PRO A 120 2.37 -27.99 22.03
CA PRO A 120 3.55 -27.92 21.15
C PRO A 120 4.82 -27.91 21.99
N LYS A 121 5.85 -28.60 21.48
CA LYS A 121 7.19 -28.53 22.04
C LYS A 121 8.17 -28.36 20.89
N VAL A 122 9.21 -27.57 21.13
CA VAL A 122 10.30 -27.44 20.17
CA VAL A 122 10.30 -27.44 20.17
C VAL A 122 11.28 -28.58 20.40
N GLN A 123 11.66 -29.28 19.33
CA GLN A 123 12.59 -30.39 19.42
C GLN A 123 13.91 -29.98 18.80
N VAL A 124 15.01 -30.24 19.51
CA VAL A 124 16.35 -29.86 19.10
C VAL A 124 17.32 -30.98 19.46
N GLU A 125 18.53 -30.91 18.90
CA GLU A 125 19.65 -31.72 19.35
C GLU A 125 20.51 -30.87 20.29
N TYR A 126 20.87 -31.45 21.43
CA TYR A 126 21.57 -30.73 22.50
C TYR A 126 22.57 -31.68 23.14
N LYS A 127 23.86 -31.36 23.00
CA LYS A 127 24.94 -32.19 23.55
C LYS A 127 24.83 -33.63 23.07
N GLY A 128 24.46 -33.79 21.80
CA GLY A 128 24.38 -35.10 21.20
C GLY A 128 23.11 -35.87 21.47
N GLU A 129 22.13 -35.26 22.13
CA GLU A 129 20.88 -35.93 22.47
C GLU A 129 19.70 -35.12 21.97
N THR A 130 18.63 -35.83 21.63
CA THR A 130 17.37 -35.18 21.27
C THR A 130 16.66 -34.71 22.53
N LYS A 131 16.36 -33.41 22.60
CA LYS A 131 15.61 -32.84 23.71
C LYS A 131 14.46 -32.01 23.14
N SER A 132 13.39 -31.90 23.92
CA SER A 132 12.26 -31.06 23.57
C SER A 132 11.89 -30.15 24.74
N PHE A 133 11.42 -28.95 24.41
CA PHE A 133 11.08 -27.94 25.40
C PHE A 133 9.72 -27.31 25.11
N TYR A 134 8.91 -27.10 26.15
CA TYR A 134 7.71 -26.31 26.01
C TYR A 134 8.09 -24.86 25.70
N PRO A 135 7.17 -24.09 25.10
CA PRO A 135 7.49 -22.68 24.84
C PRO A 135 7.84 -21.89 26.09
N GLU A 136 7.15 -22.14 27.21
CA GLU A 136 7.47 -21.40 28.42
C GLU A 136 8.82 -21.80 29.00
N GLU A 137 9.33 -22.98 28.65
CA GLU A 137 10.69 -23.33 29.02
C GLU A 137 11.71 -22.53 28.20
N VAL A 138 11.47 -22.40 26.89
CA VAL A 138 12.36 -21.58 26.06
C VAL A 138 12.36 -20.14 26.54
N SER A 139 11.18 -19.58 26.81
CA SER A 139 11.14 -18.20 27.26
C SER A 139 11.76 -18.04 28.65
N SER A 140 11.65 -19.07 29.50
CA SER A 140 12.25 -18.98 30.82
C SER A 140 13.76 -18.88 30.73
N MET A 141 14.36 -19.48 29.71
CA MET A 141 15.80 -19.33 29.50
C MET A 141 16.14 -17.88 29.16
N VAL A 142 15.34 -17.23 28.34
CA VAL A 142 15.53 -15.81 28.07
C VAL A 142 15.33 -15.01 29.36
N LEU A 143 14.32 -15.37 30.15
CA LEU A 143 14.10 -14.71 31.42
C LEU A 143 15.25 -14.95 32.40
N THR A 144 15.90 -16.11 32.35
CA THR A 144 17.03 -16.36 33.23
C THR A 144 18.17 -15.40 32.94
N LYS A 145 18.39 -15.09 31.66
CA LYS A 145 19.42 -14.13 31.29
C LYS A 145 19.06 -12.72 31.73
N MET A 146 17.79 -12.34 31.57
CA MET A 146 17.33 -11.04 32.04
C MET A 146 17.57 -10.89 33.54
N LYS A 147 17.23 -11.93 34.31
CA LYS A 147 17.48 -11.93 35.76
C LYS A 147 18.96 -11.73 36.06
N GLU A 148 19.85 -12.44 35.36
CA GLU A 148 21.28 -12.28 35.60
C GLU A 148 21.75 -10.88 35.23
N ILE A 149 21.22 -10.32 34.14
CA ILE A 149 21.59 -8.98 33.72
C ILE A 149 21.24 -7.96 34.81
N ALA A 150 20.02 -8.07 35.36
CA ALA A 150 19.63 -7.14 36.42
C ALA A 150 20.46 -7.33 37.68
N GLU A 151 20.77 -8.58 38.05
CA GLU A 151 21.61 -8.82 39.21
C GLU A 151 23.06 -8.37 38.97
N ALA A 152 23.54 -8.48 37.73
CA ALA A 152 24.87 -7.94 37.43
C ALA A 152 24.90 -6.44 37.65
N TYR A 153 23.82 -5.75 37.32
CA TYR A 153 23.75 -4.30 37.47
C TYR A 153 23.47 -3.87 38.90
N LEU A 154 22.52 -4.52 39.57
CA LEU A 154 22.13 -4.12 40.91
C LEU A 154 23.08 -4.63 41.98
N GLY A 155 23.87 -5.66 41.70
CA GLY A 155 24.69 -6.23 42.73
C GLY A 155 23.92 -6.93 43.82
N LYS A 156 22.67 -7.32 43.55
CA LYS A 156 21.79 -7.93 44.54
C LYS A 156 20.98 -9.03 43.88
N THR A 157 20.39 -9.89 44.70
CA THR A 157 19.46 -10.88 44.19
C THR A 157 18.18 -10.18 43.71
N VAL A 158 17.67 -10.61 42.57
CA VAL A 158 16.45 -10.06 41.99
C VAL A 158 15.44 -11.19 41.89
N THR A 159 14.30 -11.05 42.56
CA THR A 159 13.26 -12.08 42.49
C THR A 159 11.94 -11.57 41.95
N ASN A 160 11.45 -10.43 42.42
CA ASN A 160 10.14 -9.93 42.00
C ASN A 160 10.18 -9.28 40.63
N ALA A 161 9.14 -9.53 39.83
CA ALA A 161 9.12 -9.00 38.47
C ALA A 161 7.68 -8.77 38.04
N VAL A 162 7.47 -7.73 37.24
CA VAL A 162 6.25 -7.58 36.46
C VAL A 162 6.63 -7.91 35.02
N VAL A 163 5.88 -8.82 34.39
CA VAL A 163 6.13 -9.26 33.03
C VAL A 163 4.94 -8.84 32.17
N THR A 164 5.20 -8.30 30.98
CA THR A 164 4.14 -7.79 30.13
C THR A 164 3.77 -8.79 29.03
N VAL A 165 2.54 -8.66 28.52
CA VAL A 165 2.03 -9.48 27.43
C VAL A 165 1.14 -8.61 26.54
N PRO A 166 0.96 -9.00 25.28
CA PRO A 166 0.04 -8.25 24.42
C PRO A 166 -1.37 -8.29 25.00
N ALA A 167 -2.14 -7.24 24.74
CA ALA A 167 -3.45 -7.12 25.38
C ALA A 167 -4.40 -8.21 24.92
N TYR A 168 -4.19 -8.79 23.74
CA TYR A 168 -5.04 -9.85 23.22
C TYR A 168 -4.69 -11.24 23.76
N PHE A 169 -3.60 -11.39 24.51
CA PHE A 169 -3.28 -12.70 25.07
C PHE A 169 -4.42 -13.19 25.95
N ASN A 170 -4.76 -14.47 25.81
CA ASN A 170 -5.80 -15.04 26.65
C ASN A 170 -5.18 -15.60 27.94
N ASP A 171 -6.03 -16.21 28.79
CA ASP A 171 -5.55 -16.65 30.09
C ASP A 171 -4.45 -17.69 29.97
N SER A 172 -4.59 -18.63 29.04
CA SER A 172 -3.56 -19.65 28.85
C SER A 172 -2.22 -19.02 28.49
N GLN A 173 -2.22 -18.02 27.60
CA GLN A 173 -0.97 -17.36 27.22
C GLN A 173 -0.42 -16.53 28.36
N ARG A 174 -1.31 -15.91 29.15
CA ARG A 174 -0.85 -15.18 30.33
C ARG A 174 -0.26 -16.13 31.38
N GLN A 175 -0.96 -17.23 31.66
CA GLN A 175 -0.45 -18.19 32.64
CA GLN A 175 -0.45 -18.19 32.64
C GLN A 175 0.87 -18.79 32.19
N ALA A 176 0.98 -19.15 30.90
CA ALA A 176 2.25 -19.73 30.45
C ALA A 176 3.38 -18.72 30.49
N THR A 177 3.09 -17.44 30.26
CA THR A 177 4.14 -16.44 30.37
C THR A 177 4.55 -16.27 31.82
N LYS A 178 3.58 -16.28 32.74
CA LYS A 178 3.93 -16.28 34.15
C LYS A 178 4.72 -17.53 34.53
N ASP A 179 4.32 -18.70 34.03
CA ASP A 179 5.08 -19.90 34.32
C ASP A 179 6.51 -19.80 33.84
N ALA A 180 6.73 -19.15 32.68
CA ALA A 180 8.09 -18.91 32.24
C ALA A 180 8.89 -18.14 33.27
N GLY A 181 8.29 -17.10 33.87
CA GLY A 181 8.97 -16.40 34.94
C GLY A 181 9.23 -17.28 36.15
N THR A 182 8.24 -18.09 36.54
CA THR A 182 8.41 -18.97 37.69
C THR A 182 9.53 -19.98 37.48
N ILE A 183 9.64 -20.51 36.26
CA ILE A 183 10.69 -21.47 35.96
C ILE A 183 12.06 -20.82 36.11
N ALA A 184 12.15 -19.54 35.74
CA ALA A 184 13.40 -18.77 35.84
C ALA A 184 13.72 -18.34 37.26
N GLY A 185 12.93 -18.77 38.25
CA GLY A 185 13.14 -18.32 39.61
C GLY A 185 12.59 -16.95 39.94
N LEU A 186 11.77 -16.39 39.06
CA LEU A 186 11.18 -15.09 39.33
C LEU A 186 9.85 -15.27 40.06
N ASN A 187 9.56 -14.30 40.92
CA ASN A 187 8.24 -14.17 41.55
C ASN A 187 7.48 -13.11 40.76
N VAL A 188 6.57 -13.56 39.90
CA VAL A 188 5.87 -12.63 39.02
C VAL A 188 4.76 -11.97 39.82
N LEU A 189 4.93 -10.68 40.12
CA LEU A 189 3.96 -9.96 40.93
C LEU A 189 2.63 -9.85 40.21
N ARG A 190 2.68 -9.68 38.89
CA ARG A 190 1.51 -9.44 38.04
C ARG A 190 1.94 -9.52 36.59
N ILE A 191 1.04 -10.05 35.76
CA ILE A 191 1.13 -9.95 34.30
C ILE A 191 0.26 -8.79 33.87
N ILE A 192 0.83 -7.83 33.12
CA ILE A 192 0.06 -6.68 32.66
C ILE A 192 0.22 -6.50 31.16
N ASN A 193 -0.74 -5.80 30.55
CA ASN A 193 -0.73 -5.62 29.11
C ASN A 193 0.36 -4.65 28.69
N GLU A 194 1.04 -5.01 27.60
CA GLU A 194 2.04 -4.12 27.00
C GLU A 194 1.52 -2.70 26.76
N PRO A 195 0.36 -2.48 26.14
CA PRO A 195 -0.08 -1.08 25.93
C PRO A 195 -0.38 -0.35 27.23
N THR A 196 -0.84 -1.07 28.27
CA THR A 196 -1.04 -0.45 29.56
C THR A 196 0.28 -0.04 30.20
N ALA A 197 1.30 -0.90 30.10
CA ALA A 197 2.63 -0.54 30.59
C ALA A 197 3.14 0.73 29.91
N ALA A 198 2.92 0.84 28.58
CA ALA A 198 3.35 2.03 27.83
C ALA A 198 2.68 3.29 28.34
N ALA A 199 1.38 3.23 28.62
CA ALA A 199 0.66 4.40 29.12
C ALA A 199 1.13 4.75 30.53
N ILE A 200 1.40 3.73 31.35
CA ILE A 200 1.95 3.97 32.69
C ILE A 200 3.29 4.68 32.59
N ALA A 201 4.11 4.29 31.62
CA ALA A 201 5.41 4.94 31.45
C ALA A 201 5.26 6.44 31.25
N TYR A 202 4.23 6.87 30.52
CA TYR A 202 4.00 8.29 30.28
C TYR A 202 3.11 8.93 31.34
N GLY A 203 2.81 8.21 32.43
CA GLY A 203 2.00 8.76 33.49
C GLY A 203 0.59 9.12 33.07
N LEU A 204 0.06 8.49 32.03
CA LEU A 204 -1.21 8.92 31.49
C LEU A 204 -2.38 8.63 32.43
N ASP A 205 -2.22 7.65 33.32
CA ASP A 205 -3.22 7.38 34.34
C ASP A 205 -3.22 8.39 35.46
N LYS A 206 -2.18 9.22 35.58
CA LYS A 206 -2.07 10.20 36.65
C LYS A 206 -2.51 11.59 36.23
N LYS A 207 -2.89 11.77 34.97
CA LYS A 207 -3.45 13.04 34.53
C LYS A 207 -4.88 13.16 35.06
N VAL A 208 -5.04 13.82 36.20
CA VAL A 208 -6.35 13.93 36.85
C VAL A 208 -7.27 14.77 35.97
N GLY A 209 -8.40 14.18 35.59
CA GLY A 209 -9.34 14.87 34.72
C GLY A 209 -10.38 13.91 34.21
N ALA A 210 -10.96 14.25 33.06
CA ALA A 210 -11.98 13.41 32.46
C ALA A 210 -11.35 12.14 31.90
N GLU A 211 -12.19 11.26 31.35
CA GLU A 211 -11.69 10.05 30.71
C GLU A 211 -10.74 10.40 29.57
N ARG A 212 -9.69 9.61 29.43
CA ARG A 212 -8.69 9.83 28.39
C ARG A 212 -8.70 8.64 27.44
N ASN A 213 -8.78 8.94 26.15
CA ASN A 213 -8.64 7.94 25.10
C ASN A 213 -7.20 7.93 24.63
N VAL A 214 -6.55 6.78 24.74
CA VAL A 214 -5.14 6.63 24.44
C VAL A 214 -5.00 5.60 23.33
N LEU A 215 -4.23 5.93 22.30
CA LEU A 215 -3.91 4.99 21.24
C LEU A 215 -2.44 4.63 21.32
N ILE A 216 -2.16 3.34 21.38
CA ILE A 216 -0.80 2.81 21.42
CA ILE A 216 -0.79 2.82 21.40
C ILE A 216 -0.51 2.23 20.04
N PHE A 217 0.56 2.69 19.41
CA PHE A 217 0.98 2.26 18.08
C PHE A 217 2.29 1.52 18.29
N ASP A 218 2.22 0.18 18.28
CA ASP A 218 3.35 -0.68 18.67
C ASP A 218 3.82 -1.43 17.44
N LEU A 219 4.93 -0.98 16.86
CA LEU A 219 5.55 -1.63 15.70
C LEU A 219 6.92 -2.14 16.14
N GLY A 220 7.04 -3.45 16.26
CA GLY A 220 8.24 -4.10 16.78
C GLY A 220 9.08 -4.73 15.69
N GLY A 221 9.77 -5.81 16.06
CA GLY A 221 10.57 -6.54 15.08
C GLY A 221 9.73 -7.49 14.25
N GLY A 222 8.74 -8.14 14.88
CA GLY A 222 7.94 -9.10 14.15
C GLY A 222 6.44 -8.84 14.11
N THR A 223 5.95 -7.89 14.90
CA THR A 223 4.51 -7.73 15.05
C THR A 223 4.15 -6.25 15.10
N PHE A 224 2.91 -5.97 14.71
CA PHE A 224 2.32 -4.63 14.72
C PHE A 224 1.04 -4.69 15.54
N ASP A 225 1.02 -3.96 16.66
CA ASP A 225 -0.13 -3.95 17.57
C ASP A 225 -0.66 -2.53 17.74
N VAL A 226 -1.93 -2.32 17.42
CA VAL A 226 -2.64 -1.07 17.72
C VAL A 226 -3.64 -1.37 18.83
N SER A 227 -3.63 -0.56 19.89
CA SER A 227 -4.56 -0.69 21.00
C SER A 227 -5.13 0.68 21.34
N ILE A 228 -6.42 0.73 21.65
CA ILE A 228 -7.06 1.95 22.17
C ILE A 228 -7.52 1.64 23.58
N LEU A 229 -7.01 2.41 24.53
CA LEU A 229 -7.40 2.28 25.92
C LEU A 229 -8.16 3.52 26.34
N THR A 230 -9.05 3.36 27.32
CA THR A 230 -9.66 4.50 28.01
C THR A 230 -9.29 4.44 29.47
N ILE A 231 -8.89 5.58 30.03
CA ILE A 231 -8.49 5.70 31.42
C ILE A 231 -9.50 6.60 32.10
N GLU A 232 -10.31 6.02 32.98
CA GLU A 232 -11.30 6.77 33.76
C GLU A 232 -10.95 6.62 35.24
N ASP A 233 -10.77 7.75 35.93
CA ASP A 233 -10.39 7.76 37.35
C ASP A 233 -9.10 6.98 37.60
N GLY A 234 -8.22 6.89 36.60
CA GLY A 234 -6.99 6.14 36.75
C GLY A 234 -7.10 4.66 36.49
N ILE A 235 -8.25 4.17 36.02
CA ILE A 235 -8.46 2.75 35.72
C ILE A 235 -8.35 2.54 34.21
N PHE A 236 -7.52 1.57 33.81
CA PHE A 236 -7.32 1.22 32.41
C PHE A 236 -8.37 0.25 31.92
N GLU A 237 -8.86 0.48 30.69
CA GLU A 237 -9.78 -0.41 30.01
C GLU A 237 -9.42 -0.47 28.53
N VAL A 238 -9.26 -1.69 28.01
CA VAL A 238 -8.94 -1.87 26.60
C VAL A 238 -10.23 -1.76 25.79
N LYS A 239 -10.32 -0.74 24.95
CA LYS A 239 -11.48 -0.55 24.10
C LYS A 239 -11.38 -1.35 22.82
N SER A 240 -10.20 -1.45 22.22
CA SER A 240 -10.08 -2.16 20.96
C SER A 240 -8.62 -2.50 20.71
N THR A 241 -8.41 -3.50 19.86
CA THR A 241 -7.10 -3.92 19.40
C THR A 241 -7.19 -4.23 17.91
N ALA A 242 -6.10 -3.94 17.20
CA ALA A 242 -5.99 -4.24 15.78
C ALA A 242 -4.51 -4.37 15.45
N GLY A 243 -4.22 -4.78 14.22
CA GLY A 243 -2.84 -4.86 13.79
C GLY A 243 -2.57 -6.04 12.88
N ASP A 244 -1.32 -6.48 12.87
CA ASP A 244 -0.84 -7.51 11.94
C ASP A 244 0.23 -8.29 12.70
N THR A 245 -0.03 -9.57 12.98
CA THR A 245 0.90 -10.35 13.78
C THR A 245 2.16 -10.74 13.02
N HIS A 246 2.23 -10.48 11.70
CA HIS A 246 3.39 -10.83 10.88
C HIS A 246 3.87 -9.62 10.08
N LEU A 247 3.89 -8.44 10.72
CA LEU A 247 4.42 -7.23 10.13
C LEU A 247 5.31 -6.56 11.16
N GLY A 248 6.55 -6.29 10.78
CA GLY A 248 7.47 -5.67 11.73
C GLY A 248 8.77 -5.29 11.05
N GLY A 249 9.73 -4.85 11.87
CA GLY A 249 10.99 -4.37 11.31
C GLY A 249 11.69 -5.38 10.44
N GLU A 250 11.44 -6.68 10.69
CA GLU A 250 12.07 -7.74 9.90
C GLU A 250 11.58 -7.75 8.46
N ASP A 251 10.32 -7.39 8.22
CA ASP A 251 9.86 -7.26 6.85
C ASP A 251 10.59 -6.15 6.12
N PHE A 252 10.89 -5.04 6.81
CA PHE A 252 11.62 -3.95 6.18
C PHE A 252 13.07 -4.36 5.89
N ASP A 253 13.69 -5.10 6.82
CA ASP A 253 14.99 -5.72 6.54
C ASP A 253 14.91 -6.62 5.31
N ASN A 254 13.87 -7.45 5.22
CA ASN A 254 13.72 -8.34 4.06
C ASN A 254 13.74 -7.55 2.76
N ARG A 255 13.04 -6.42 2.74
CA ARG A 255 13.00 -5.61 1.52
C ARG A 255 14.39 -5.09 1.17
N MET A 256 15.18 -4.73 2.20
CA MET A 256 16.54 -4.27 1.95
C MET A 256 17.42 -5.41 1.43
N VAL A 257 17.26 -6.61 2.01
CA VAL A 257 18.08 -7.75 1.61
C VAL A 257 17.83 -8.09 0.15
N ASN A 258 16.56 -8.16 -0.24
CA ASN A 258 16.22 -8.42 -1.63
C ASN A 258 16.77 -7.33 -2.55
N HIS A 259 16.71 -6.08 -2.09
CA HIS A 259 17.26 -4.97 -2.86
C HIS A 259 18.76 -5.14 -3.11
N PHE A 260 19.52 -5.51 -2.07
CA PHE A 260 20.96 -5.65 -2.24
C PHE A 260 21.36 -6.97 -2.91
N ILE A 261 20.53 -8.01 -2.79
CA ILE A 261 20.77 -9.24 -3.55
C ILE A 261 20.67 -8.96 -5.04
N ALA A 262 19.63 -8.21 -5.44
CA ALA A 262 19.49 -7.81 -6.83
C ALA A 262 20.65 -6.90 -7.26
N GLU A 263 21.07 -5.99 -6.39
CA GLU A 263 22.19 -5.11 -6.74
C GLU A 263 23.47 -5.91 -6.96
N PHE A 264 23.79 -6.82 -6.03
CA PHE A 264 25.00 -7.63 -6.15
C PHE A 264 24.97 -8.46 -7.44
N LYS A 265 23.81 -9.04 -7.76
CA LYS A 265 23.68 -9.80 -9.00
C LYS A 265 23.88 -8.89 -10.21
N ARG A 266 23.35 -7.67 -10.15
CA ARG A 266 23.51 -6.75 -11.27
C ARG A 266 24.98 -6.35 -11.46
N LYS A 267 25.70 -6.14 -10.36
CA LYS A 267 27.09 -5.71 -10.45
C LYS A 267 28.03 -6.87 -10.79
N HIS A 268 27.82 -8.04 -10.18
CA HIS A 268 28.78 -9.13 -10.29
C HIS A 268 28.24 -10.34 -11.04
N LYS A 269 26.99 -10.29 -11.52
CA LYS A 269 26.38 -11.42 -12.24
C LYS A 269 26.46 -12.71 -11.43
N LYS A 270 26.18 -12.60 -10.13
CA LYS A 270 26.23 -13.72 -9.19
C LYS A 270 25.09 -13.59 -8.20
N ASP A 271 24.45 -14.72 -7.90
CA ASP A 271 23.32 -14.78 -6.97
C ASP A 271 23.80 -15.37 -5.65
N ILE A 272 23.73 -14.57 -4.59
CA ILE A 272 24.19 -15.03 -3.27
C ILE A 272 23.09 -15.73 -2.48
N SER A 273 21.91 -15.92 -3.06
CA SER A 273 20.71 -16.29 -2.30
C SER A 273 20.88 -17.60 -1.55
N GLU A 274 21.62 -18.54 -2.13
CA GLU A 274 21.70 -19.90 -1.58
C GLU A 274 22.87 -20.10 -0.64
N ASN A 275 23.61 -19.04 -0.32
CA ASN A 275 24.67 -19.07 0.68
C ASN A 275 24.07 -18.48 1.94
N LYS A 276 23.66 -19.36 2.87
CA LYS A 276 22.96 -18.89 4.06
C LYS A 276 23.81 -17.94 4.88
N ARG A 277 25.12 -18.20 4.97
CA ARG A 277 25.99 -17.31 5.71
C ARG A 277 26.07 -15.93 5.06
N ALA A 278 26.25 -15.88 3.74
CA ALA A 278 26.27 -14.60 3.03
C ALA A 278 24.99 -13.80 3.24
N VAL A 279 23.84 -14.45 3.06
CA VAL A 279 22.57 -13.75 3.25
C VAL A 279 22.43 -13.24 4.68
N ARG A 280 22.85 -14.05 5.67
CA ARG A 280 22.75 -13.63 7.07
CA ARG A 280 22.75 -13.63 7.07
C ARG A 280 23.64 -12.43 7.34
N ARG A 281 24.84 -12.42 6.78
CA ARG A 281 25.72 -11.26 6.95
C ARG A 281 25.16 -10.04 6.24
N LEU A 282 24.53 -10.23 5.07
CA LEU A 282 23.88 -9.09 4.44
C LEU A 282 22.70 -8.61 5.27
N ARG A 283 21.93 -9.54 5.83
CA ARG A 283 20.79 -9.14 6.65
C ARG A 283 21.23 -8.34 7.86
N THR A 284 22.30 -8.78 8.53
CA THR A 284 22.80 -8.06 9.70
C THR A 284 23.22 -6.65 9.32
N ALA A 285 23.95 -6.51 8.21
CA ALA A 285 24.31 -5.18 7.71
C ALA A 285 23.07 -4.34 7.41
N CYS A 286 22.03 -4.96 6.83
CA CYS A 286 20.83 -4.19 6.48
C CYS A 286 20.08 -3.71 7.70
N GLU A 287 19.95 -4.56 8.72
CA GLU A 287 19.29 -4.15 9.96
C GLU A 287 20.03 -2.97 10.59
N ARG A 288 21.36 -3.04 10.61
CA ARG A 288 22.14 -1.96 11.18
C ARG A 288 22.01 -0.69 10.36
N ALA A 289 22.09 -0.80 9.03
CA ALA A 289 21.86 0.36 8.15
C ALA A 289 20.49 0.99 8.37
N LYS A 290 19.45 0.16 8.47
CA LYS A 290 18.11 0.66 8.72
C LYS A 290 18.08 1.55 9.96
N ARG A 291 18.66 1.08 11.06
CA ARG A 291 18.69 1.87 12.30
C ARG A 291 19.38 3.21 12.08
N THR A 292 20.52 3.21 11.40
CA THR A 292 21.22 4.45 11.09
C THR A 292 20.34 5.40 10.27
N LEU A 293 19.52 4.86 9.36
CA LEU A 293 18.67 5.73 8.55
C LEU A 293 17.58 6.41 9.36
N SER A 294 17.38 6.02 10.61
CA SER A 294 16.43 6.75 11.44
C SER A 294 16.98 8.08 11.92
N SER A 295 18.30 8.23 11.94
CA SER A 295 18.94 9.45 12.41
CA SER A 295 18.93 9.45 12.40
C SER A 295 19.81 10.12 11.36
N SER A 296 20.10 9.46 10.25
CA SER A 296 20.91 10.00 9.18
C SER A 296 20.17 9.80 7.87
N THR A 297 20.49 10.61 6.87
CA THR A 297 19.82 10.46 5.57
C THR A 297 20.52 9.45 4.67
N GLN A 298 21.62 8.84 5.13
CA GLN A 298 22.32 7.83 4.33
C GLN A 298 23.07 6.89 5.26
N ALA A 299 23.42 5.72 4.73
CA ALA A 299 24.01 4.67 5.54
C ALA A 299 24.88 3.79 4.66
N SER A 300 25.99 3.32 5.23
CA SER A 300 26.97 2.53 4.49
C SER A 300 26.83 1.05 4.80
N ILE A 301 27.05 0.22 3.79
CA ILE A 301 27.09 -1.24 3.90
C ILE A 301 28.53 -1.66 3.61
N GLU A 302 29.17 -2.35 4.56
CA GLU A 302 30.57 -2.73 4.44
C GLU A 302 30.74 -4.19 4.83
N ILE A 303 30.93 -5.06 3.84
CA ILE A 303 31.04 -6.50 4.08
C ILE A 303 32.24 -7.01 3.29
N ASP A 304 33.26 -7.49 4.00
CA ASP A 304 34.43 -8.09 3.37
C ASP A 304 34.09 -9.50 2.90
N SER A 305 34.50 -9.84 1.68
CA SER A 305 34.35 -11.18 1.13
C SER A 305 32.93 -11.71 1.34
N LEU A 306 31.96 -11.03 0.72
CA LEU A 306 30.56 -11.40 0.90
C LEU A 306 30.26 -12.71 0.18
N TYR A 307 30.74 -12.85 -1.04
CA TYR A 307 30.42 -14.01 -1.87
C TYR A 307 31.58 -14.28 -2.81
N GLU A 308 32.13 -15.50 -2.77
CA GLU A 308 33.20 -15.92 -3.66
C GLU A 308 34.34 -14.91 -3.67
N GLY A 309 34.71 -14.43 -2.48
CA GLY A 309 35.84 -13.53 -2.32
C GLY A 309 35.58 -12.07 -2.64
N ILE A 310 34.38 -11.71 -3.05
CA ILE A 310 34.07 -10.36 -3.49
C ILE A 310 33.59 -9.54 -2.29
N ASP A 311 34.22 -8.39 -2.05
CA ASP A 311 33.74 -7.46 -1.04
C ASP A 311 32.49 -6.74 -1.52
N PHE A 312 31.65 -6.32 -0.57
CA PHE A 312 30.45 -5.56 -0.87
C PHE A 312 30.47 -4.29 -0.03
N TYR A 313 30.87 -3.18 -0.66
CA TYR A 313 30.89 -1.85 -0.05
C TYR A 313 29.96 -0.98 -0.88
N THR A 314 28.87 -0.52 -0.27
CA THR A 314 27.90 0.31 -0.97
C THR A 314 27.16 1.16 0.06
N SER A 315 26.04 1.75 -0.35
CA SER A 315 25.30 2.61 0.55
C SER A 315 23.83 2.60 0.16
N ILE A 316 23.01 3.25 0.98
CA ILE A 316 21.59 3.42 0.72
C ILE A 316 21.16 4.71 1.39
N THR A 317 20.29 5.46 0.71
CA THR A 317 19.73 6.69 1.25
C THR A 317 18.47 6.37 2.05
N ARG A 318 18.04 7.36 2.84
CA ARG A 318 16.77 7.22 3.54
C ARG A 318 15.60 7.16 2.55
N ALA A 319 15.69 7.94 1.47
CA ALA A 319 14.62 7.95 0.47
C ALA A 319 14.43 6.57 -0.17
N ARG A 320 15.53 5.91 -0.53
CA ARG A 320 15.43 4.58 -1.10
C ARG A 320 14.84 3.59 -0.09
N PHE A 321 15.29 3.64 1.17
CA PHE A 321 14.74 2.75 2.19
C PHE A 321 13.24 2.95 2.34
N GLU A 322 12.80 4.22 2.34
CA GLU A 322 11.37 4.51 2.37
C GLU A 322 10.66 3.98 1.13
N GLU A 323 11.27 4.14 -0.06
CA GLU A 323 10.64 3.68 -1.29
C GLU A 323 10.50 2.16 -1.31
N LEU A 324 11.50 1.45 -0.77
CA LEU A 324 11.43 0.00 -0.72
C LEU A 324 10.32 -0.49 0.18
N ASN A 325 9.83 0.34 1.10
CA ASN A 325 8.86 -0.10 2.10
C ASN A 325 7.57 0.72 2.07
N ALA A 326 7.34 1.50 0.99
CA ALA A 326 6.28 2.49 1.00
C ALA A 326 4.91 1.86 1.27
N ASP A 327 4.66 0.68 0.70
CA ASP A 327 3.37 0.06 0.88
C ASP A 327 3.20 -0.45 2.31
N LEU A 328 4.25 -1.02 2.89
CA LEU A 328 4.16 -1.53 4.26
C LEU A 328 3.95 -0.38 5.23
N PHE A 329 4.67 0.74 5.03
CA PHE A 329 4.53 1.90 5.92
C PHE A 329 3.10 2.44 5.89
N ARG A 330 2.57 2.69 4.68
CA ARG A 330 1.22 3.24 4.52
C ARG A 330 0.15 2.31 5.07
N GLY A 331 0.35 1.00 4.89
CA GLY A 331 -0.62 0.03 5.39
C GLY A 331 -0.77 0.00 6.90
N THR A 332 0.18 0.56 7.66
CA THR A 332 -0.01 0.53 9.11
C THR A 332 -1.20 1.37 9.56
N LEU A 333 -1.70 2.26 8.69
CA LEU A 333 -2.80 3.14 9.08
C LEU A 333 -4.15 2.45 9.01
N ASP A 334 -4.24 1.35 8.28
CA ASP A 334 -5.52 0.66 8.20
C ASP A 334 -5.88 0.01 9.54
N PRO A 335 -4.96 -0.64 10.26
CA PRO A 335 -5.30 -1.09 11.63
C PRO A 335 -5.60 0.06 12.58
N VAL A 336 -5.01 1.24 12.40
CA VAL A 336 -5.39 2.39 13.23
C VAL A 336 -6.85 2.74 12.99
N GLU A 337 -7.24 2.83 11.71
CA GLU A 337 -8.62 3.13 11.38
C GLU A 337 -9.55 2.06 11.93
N LYS A 338 -9.16 0.79 11.83
CA LYS A 338 -10.01 -0.29 12.34
C LYS A 338 -10.16 -0.21 13.86
N ALA A 339 -9.06 0.04 14.57
CA ALA A 339 -9.13 0.19 16.02
C ALA A 339 -10.08 1.32 16.40
N LEU A 340 -10.00 2.46 15.71
CA LEU A 340 -10.90 3.57 16.01
C LEU A 340 -12.34 3.19 15.73
N ARG A 341 -12.58 2.48 14.63
CA ARG A 341 -13.92 2.03 14.29
C ARG A 341 -14.48 1.13 15.39
N ASP A 342 -13.68 0.18 15.88
CA ASP A 342 -14.14 -0.73 16.92
C ASP A 342 -14.38 0.00 18.24
N ALA A 343 -13.49 0.94 18.58
CA ALA A 343 -13.69 1.74 19.79
C ALA A 343 -14.82 2.76 19.63
N LYS A 344 -15.39 2.90 18.43
CA LYS A 344 -16.40 3.91 18.14
C LYS A 344 -15.91 5.31 18.51
N LEU A 345 -14.69 5.62 18.09
CA LEU A 345 -14.12 6.93 18.31
C LEU A 345 -13.67 7.51 17.00
N ASP A 346 -13.83 8.83 16.85
CA ASP A 346 -13.20 9.55 15.78
C ASP A 346 -11.73 9.82 16.15
N LYS A 347 -10.89 10.01 15.12
CA LYS A 347 -9.48 10.25 15.40
C LYS A 347 -9.28 11.45 16.32
N SER A 348 -10.17 12.44 16.23
CA SER A 348 -10.08 13.64 17.05
C SER A 348 -10.39 13.40 18.52
N GLN A 349 -10.97 12.26 18.87
CA GLN A 349 -11.28 11.96 20.25
C GLN A 349 -10.12 11.28 20.99
N ILE A 350 -9.01 11.02 20.29
CA ILE A 350 -7.82 10.45 20.92
C ILE A 350 -7.07 11.55 21.65
N HIS A 351 -6.83 11.37 22.96
CA HIS A 351 -6.13 12.36 23.76
C HIS A 351 -4.61 12.21 23.68
N ASP A 352 -4.13 10.98 23.65
CA ASP A 352 -2.69 10.71 23.63
C ASP A 352 -2.40 9.62 22.63
N ILE A 353 -1.36 9.83 21.83
CA ILE A 353 -0.83 8.82 20.92
C ILE A 353 0.54 8.43 21.45
N VAL A 354 0.77 7.13 21.64
CA VAL A 354 2.03 6.64 22.24
C VAL A 354 2.72 5.77 21.22
N LEU A 355 3.99 6.08 20.93
CA LEU A 355 4.83 5.25 20.06
C LEU A 355 5.52 4.17 20.90
N VAL A 356 5.40 2.91 20.47
CA VAL A 356 6.01 1.78 21.15
C VAL A 356 6.72 0.91 20.09
N GLY A 357 7.81 0.29 20.48
CA GLY A 357 8.45 -0.61 19.52
C GLY A 357 9.54 0.09 18.72
N GLY A 358 10.59 -0.68 18.42
CA GLY A 358 11.77 -0.09 17.82
C GLY A 358 11.53 0.49 16.44
N SER A 359 10.57 -0.06 15.69
CA SER A 359 10.33 0.41 14.33
C SER A 359 9.67 1.77 14.28
N THR A 360 9.03 2.20 15.37
CA THR A 360 8.43 3.53 15.36
C THR A 360 9.46 4.65 15.48
N ARG A 361 10.75 4.33 15.53
CA ARG A 361 11.75 5.37 15.39
C ARG A 361 11.95 5.78 13.94
N ILE A 362 11.34 5.07 13.00
CA ILE A 362 11.49 5.40 11.57
C ILE A 362 10.79 6.72 11.30
N PRO A 363 11.51 7.76 10.85
CA PRO A 363 10.86 9.06 10.61
C PRO A 363 9.63 9.00 9.71
N LYS A 364 9.63 8.16 8.66
CA LYS A 364 8.47 8.11 7.78
C LYS A 364 7.24 7.57 8.51
N ILE A 365 7.44 6.62 9.43
CA ILE A 365 6.30 6.10 10.18
C ILE A 365 5.75 7.18 11.12
N GLN A 366 6.64 7.90 11.81
CA GLN A 366 6.17 9.00 12.64
C GLN A 366 5.43 10.06 11.84
N LYS A 367 5.94 10.40 10.65
CA LYS A 367 5.29 11.41 9.82
C LYS A 367 3.92 10.94 9.35
N LEU A 368 3.82 9.68 8.90
CA LEU A 368 2.54 9.12 8.47
C LEU A 368 1.51 9.17 9.60
N LEU A 369 1.92 8.78 10.81
CA LEU A 369 0.96 8.74 11.92
C LEU A 369 0.58 10.15 12.38
N GLN A 370 1.54 11.06 12.45
CA GLN A 370 1.21 12.42 12.88
C GLN A 370 0.33 13.12 11.85
N ASP A 371 0.63 12.91 10.55
CA ASP A 371 -0.26 13.43 9.51
C ASP A 371 -1.66 12.84 9.64
N PHE A 372 -1.74 11.52 9.87
CA PHE A 372 -3.04 10.86 10.06
C PHE A 372 -3.84 11.53 11.16
N PHE A 373 -3.17 11.99 12.23
CA PHE A 373 -3.83 12.70 13.32
C PHE A 373 -3.74 14.21 13.17
N ASN A 374 -3.72 14.70 11.94
CA ASN A 374 -3.88 16.13 11.65
C ASN A 374 -2.85 16.99 12.39
N GLY A 375 -1.64 16.47 12.51
CA GLY A 375 -0.54 17.20 13.12
C GLY A 375 -0.36 17.03 14.61
N LYS A 376 -1.21 16.25 15.28
CA LYS A 376 -1.11 16.08 16.72
C LYS A 376 0.24 15.49 17.11
N GLU A 377 0.86 16.05 18.14
CA GLU A 377 2.15 15.58 18.60
C GLU A 377 2.05 14.19 19.22
N LEU A 378 3.08 13.37 18.96
CA LEU A 378 3.15 12.01 19.43
C LEU A 378 3.99 11.93 20.70
N ASN A 379 3.58 11.07 21.63
CA ASN A 379 4.43 10.75 22.78
C ASN A 379 5.55 9.83 22.33
N LYS A 380 6.78 10.33 22.38
CA LYS A 380 7.91 9.56 21.89
C LYS A 380 9.21 9.88 22.62
N SER A 381 9.17 10.64 23.72
CA SER A 381 10.41 11.00 24.42
C SER A 381 11.03 9.82 25.14
N ILE A 382 10.23 8.81 25.51
CA ILE A 382 10.78 7.55 26.01
C ILE A 382 11.11 6.68 24.80
N ASN A 383 12.35 6.18 24.75
CA ASN A 383 12.78 5.29 23.68
C ASN A 383 11.69 4.26 23.41
N PRO A 384 11.06 4.27 22.23
CA PRO A 384 9.86 3.44 22.05
C PRO A 384 10.11 1.96 22.26
N ASP A 385 11.29 1.45 21.93
CA ASP A 385 11.52 0.03 22.19
C ASP A 385 11.75 -0.25 23.67
N GLU A 386 11.85 0.78 24.52
CA GLU A 386 12.03 0.63 25.96
C GLU A 386 10.78 1.01 26.75
N ALA A 387 9.74 1.54 26.09
CA ALA A 387 8.62 2.13 26.82
C ALA A 387 7.84 1.10 27.62
N VAL A 388 7.70 -0.13 27.09
CA VAL A 388 6.93 -1.15 27.81
C VAL A 388 7.70 -1.62 29.05
N ALA A 389 9.00 -1.85 28.91
CA ALA A 389 9.80 -2.27 30.05
C ALA A 389 9.87 -1.15 31.09
N TYR A 390 9.90 0.10 30.63
CA TYR A 390 9.87 1.26 31.53
C TYR A 390 8.60 1.24 32.39
N GLY A 391 7.44 1.11 31.76
CA GLY A 391 6.19 1.10 32.50
C GLY A 391 6.07 -0.12 33.39
N ALA A 392 6.56 -1.27 32.93
CA ALA A 392 6.57 -2.46 33.75
C ALA A 392 7.42 -2.25 35.00
N ALA A 393 8.53 -1.52 34.87
CA ALA A 393 9.41 -1.29 36.02
C ALA A 393 8.74 -0.37 37.04
N VAL A 394 8.05 0.65 36.57
CA VAL A 394 7.27 1.51 37.47
C VAL A 394 6.21 0.67 38.19
N GLN A 395 5.48 -0.15 37.43
CA GLN A 395 4.43 -0.96 38.04
C GLN A 395 5.02 -1.91 39.08
N ALA A 396 6.19 -2.50 38.79
CA ALA A 396 6.82 -3.44 39.72
C ALA A 396 7.16 -2.76 41.04
N ALA A 397 7.59 -1.49 40.97
CA ALA A 397 7.88 -0.76 42.19
C ALA A 397 6.61 -0.46 42.98
N ILE A 398 5.53 -0.11 42.27
CA ILE A 398 4.25 0.17 42.92
C ILE A 398 3.76 -1.05 43.68
N LEU A 399 3.97 -2.25 43.12
CA LEU A 399 3.45 -3.49 43.69
C LEU A 399 4.39 -4.16 44.68
N SER A 400 5.59 -3.62 44.88
CA SER A 400 6.55 -4.25 45.78
C SER A 400 6.94 -3.29 46.89
N SER B 23 -21.29 26.06 -36.45
CA SER B 23 -21.72 26.85 -35.30
C SER B 23 -21.63 26.13 -33.93
N PRO B 24 -22.08 24.87 -33.82
CA PRO B 24 -21.99 24.20 -32.51
C PRO B 24 -20.64 23.55 -32.28
N ALA B 25 -19.90 24.08 -31.33
CA ALA B 25 -18.59 23.55 -30.97
C ALA B 25 -18.72 22.54 -29.83
N VAL B 26 -18.00 21.43 -29.94
CA VAL B 26 -18.04 20.39 -28.92
C VAL B 26 -16.71 20.36 -28.18
N GLY B 27 -16.75 19.80 -26.97
CA GLY B 27 -15.57 19.54 -26.17
C GLY B 27 -15.37 18.04 -26.05
N ILE B 28 -14.16 17.59 -26.37
CA ILE B 28 -13.86 16.17 -26.52
C ILE B 28 -12.72 15.80 -25.58
N ASP B 29 -12.99 14.84 -24.70
CA ASP B 29 -12.02 14.28 -23.78
C ASP B 29 -11.60 12.94 -24.37
N LEU B 30 -10.43 12.92 -24.99
CA LEU B 30 -9.86 11.73 -25.62
C LEU B 30 -9.04 11.00 -24.57
N GLY B 31 -9.65 10.04 -23.88
CA GLY B 31 -8.97 9.34 -22.80
C GLY B 31 -8.26 8.08 -23.27
N THR B 32 -7.39 7.56 -22.40
CA THR B 32 -6.62 6.37 -22.75
C THR B 32 -7.53 5.17 -22.95
N THR B 33 -8.58 5.05 -22.13
CA THR B 33 -9.49 3.93 -22.21
C THR B 33 -10.87 4.29 -22.74
N TYR B 34 -11.38 5.48 -22.45
CA TYR B 34 -12.69 5.91 -22.91
C TYR B 34 -12.64 7.35 -23.41
N SER B 35 -13.55 7.70 -24.32
CA SER B 35 -13.65 9.03 -24.88
C SER B 35 -15.06 9.59 -24.67
N TRP B 36 -15.13 10.89 -24.40
CA TRP B 36 -16.36 11.59 -24.04
C TRP B 36 -16.48 12.88 -24.86
N VAL B 37 -17.69 13.20 -25.32
CA VAL B 37 -17.94 14.41 -26.08
C VAL B 37 -19.12 15.16 -25.45
N GLY B 38 -18.95 16.47 -25.24
CA GLY B 38 -20.02 17.28 -24.68
C GLY B 38 -20.25 18.50 -25.55
N VAL B 39 -21.41 19.14 -25.33
CA VAL B 39 -21.72 20.40 -26.01
C VAL B 39 -22.42 21.32 -25.02
N PHE B 40 -22.03 22.60 -25.01
CA PHE B 40 -22.66 23.62 -24.19
C PHE B 40 -23.65 24.38 -25.04
N GLN B 41 -24.93 24.26 -24.73
CA GLN B 41 -25.92 25.09 -25.40
C GLN B 41 -27.05 25.42 -24.44
N HIS B 42 -27.55 26.65 -24.55
CA HIS B 42 -28.70 27.12 -23.78
C HIS B 42 -28.42 27.03 -22.28
N GLY B 43 -27.20 27.35 -21.89
CA GLY B 43 -26.84 27.41 -20.49
C GLY B 43 -26.53 26.08 -19.83
N LYS B 44 -26.50 24.99 -20.58
CA LYS B 44 -26.27 23.69 -19.97
C LYS B 44 -25.30 22.88 -20.83
N VAL B 45 -24.51 22.05 -20.17
CA VAL B 45 -23.63 21.12 -20.85
C VAL B 45 -24.37 19.79 -21.01
N GLU B 46 -24.44 19.30 -22.24
CA GLU B 46 -24.93 17.95 -22.50
C GLU B 46 -23.74 17.06 -22.84
N ILE B 47 -23.51 16.05 -22.02
CA ILE B 47 -22.62 14.96 -22.39
C ILE B 47 -23.41 14.04 -23.32
N ILE B 48 -22.92 13.84 -24.54
CA ILE B 48 -23.73 13.27 -25.61
C ILE B 48 -23.66 11.75 -25.59
N ALA B 49 -24.82 11.11 -25.60
CA ALA B 49 -24.92 9.67 -25.71
C ALA B 49 -25.06 9.26 -27.16
N ASN B 50 -24.54 8.07 -27.48
CA ASN B 50 -24.62 7.53 -28.84
C ASN B 50 -26.03 7.02 -29.12
N ASP B 51 -26.22 6.33 -30.26
CA ASP B 51 -27.55 5.86 -30.65
C ASP B 51 -28.13 4.85 -29.67
N GLN B 52 -27.29 4.08 -29.02
CA GLN B 52 -27.73 3.07 -28.07
C GLN B 52 -27.84 3.59 -26.65
N GLY B 53 -27.78 4.92 -26.46
CA GLY B 53 -27.90 5.51 -25.14
C GLY B 53 -26.62 5.56 -24.32
N ASN B 54 -25.49 5.13 -24.87
CA ASN B 54 -24.24 5.07 -24.14
C ASN B 54 -23.49 6.40 -24.27
N ARG B 55 -23.14 7.00 -23.14
CA ARG B 55 -22.45 8.28 -23.15
C ARG B 55 -20.94 8.16 -23.31
N THR B 56 -20.39 6.95 -23.35
CA THR B 56 -18.96 6.75 -23.42
C THR B 56 -18.59 5.85 -24.60
N THR B 57 -17.40 6.09 -25.15
CA THR B 57 -16.89 5.40 -26.33
C THR B 57 -15.53 4.82 -25.97
N PRO B 58 -15.36 3.50 -25.96
CA PRO B 58 -14.03 2.92 -25.72
C PRO B 58 -13.04 3.40 -26.77
N SER B 59 -11.83 3.73 -26.33
CA SER B 59 -10.78 4.22 -27.23
C SER B 59 -10.11 3.04 -27.96
N TYR B 60 -10.93 2.33 -28.73
CA TYR B 60 -10.57 1.10 -29.41
C TYR B 60 -10.91 1.19 -30.89
N VAL B 61 -10.01 0.69 -31.74
CA VAL B 61 -10.27 0.53 -33.16
CA VAL B 61 -10.28 0.53 -33.16
C VAL B 61 -9.88 -0.89 -33.55
N ALA B 62 -10.68 -1.51 -34.41
CA ALA B 62 -10.44 -2.88 -34.83
C ALA B 62 -10.54 -3.00 -36.35
N PHE B 63 -9.76 -3.95 -36.90
CA PHE B 63 -9.70 -4.19 -38.33
C PHE B 63 -9.92 -5.67 -38.59
N THR B 64 -10.84 -6.00 -39.49
CA THR B 64 -11.22 -7.37 -39.75
C THR B 64 -11.06 -7.70 -41.24
N ASP B 65 -11.54 -8.88 -41.63
CA ASP B 65 -11.54 -9.26 -43.04
C ASP B 65 -12.42 -8.32 -43.87
N THR B 66 -13.44 -7.71 -43.26
CA THR B 66 -14.42 -6.95 -44.03
C THR B 66 -14.63 -5.51 -43.58
N GLU B 67 -14.23 -5.12 -42.37
CA GLU B 67 -14.62 -3.78 -41.93
C GLU B 67 -13.66 -3.25 -40.87
N ARG B 68 -13.75 -1.95 -40.64
CA ARG B 68 -13.07 -1.25 -39.57
C ARG B 68 -14.11 -0.94 -38.49
N LEU B 69 -13.79 -1.31 -37.24
CA LEU B 69 -14.71 -1.16 -36.11
C LEU B 69 -14.17 -0.13 -35.13
N ILE B 70 -15.07 0.66 -34.52
CA ILE B 70 -14.70 1.72 -33.59
C ILE B 70 -15.48 1.55 -32.30
N GLY B 71 -14.86 1.89 -31.17
CA GLY B 71 -15.61 1.95 -29.91
C GLY B 71 -16.04 0.58 -29.42
N ASP B 72 -17.31 0.49 -29.00
CA ASP B 72 -17.80 -0.75 -28.40
C ASP B 72 -17.77 -1.90 -29.39
N ALA B 73 -18.05 -1.63 -30.67
CA ALA B 73 -17.99 -2.69 -31.68
C ALA B 73 -16.59 -3.27 -31.78
N ALA B 74 -15.56 -2.42 -31.61
CA ALA B 74 -14.18 -2.89 -31.63
C ALA B 74 -13.84 -3.64 -30.35
N LYS B 75 -14.16 -3.06 -29.20
CA LYS B 75 -13.86 -3.71 -27.93
C LYS B 75 -14.56 -5.05 -27.80
N ASN B 76 -15.78 -5.18 -28.33
CA ASN B 76 -16.56 -6.39 -28.11
C ASN B 76 -15.98 -7.60 -28.83
N GLN B 77 -15.10 -7.42 -29.82
CA GLN B 77 -14.53 -8.57 -30.51
C GLN B 77 -13.02 -8.69 -30.28
N VAL B 78 -12.51 -8.04 -29.23
CA VAL B 78 -11.07 -8.02 -29.01
C VAL B 78 -10.53 -9.44 -28.79
N ALA B 79 -11.26 -10.29 -28.04
CA ALA B 79 -10.70 -11.59 -27.72
C ALA B 79 -10.66 -12.51 -28.94
N MET B 80 -11.55 -12.29 -29.90
CA MET B 80 -11.55 -13.06 -31.14
C MET B 80 -10.49 -12.57 -32.12
N ASN B 81 -10.03 -11.33 -31.97
CA ASN B 81 -9.21 -10.66 -32.99
C ASN B 81 -8.17 -9.77 -32.30
N PRO B 82 -7.37 -10.34 -31.38
CA PRO B 82 -6.54 -9.48 -30.51
C PRO B 82 -5.43 -8.73 -31.23
N THR B 83 -4.82 -9.36 -32.23
CA THR B 83 -3.67 -8.73 -32.88
C THR B 83 -4.07 -7.63 -33.86
N ASN B 84 -5.34 -7.55 -34.23
CA ASN B 84 -5.82 -6.51 -35.13
C ASN B 84 -6.69 -5.49 -34.42
N THR B 85 -6.79 -5.57 -33.09
CA THR B 85 -7.60 -4.66 -32.28
C THR B 85 -6.65 -3.75 -31.51
N VAL B 86 -6.73 -2.44 -31.79
CA VAL B 86 -5.76 -1.47 -31.30
C VAL B 86 -6.39 -0.61 -30.21
N PHE B 87 -5.59 -0.30 -29.19
CA PHE B 87 -5.99 0.56 -28.09
C PHE B 87 -4.73 1.22 -27.55
N ASP B 88 -4.89 2.05 -26.52
CA ASP B 88 -3.76 2.72 -25.87
C ASP B 88 -2.99 3.61 -26.84
N ALA B 89 -3.61 4.02 -27.95
CA ALA B 89 -2.91 4.89 -28.90
C ALA B 89 -2.46 6.20 -28.26
N LYS B 90 -3.14 6.62 -27.20
CA LYS B 90 -2.74 7.83 -26.49
C LYS B 90 -1.38 7.67 -25.82
N ARG B 91 -0.94 6.44 -25.55
CA ARG B 91 0.40 6.25 -25.00
C ARG B 91 1.49 6.41 -26.05
N LEU B 92 1.14 6.33 -27.33
CA LEU B 92 2.08 6.46 -28.43
C LEU B 92 2.04 7.83 -29.10
N ILE B 93 0.92 8.55 -28.99
CA ILE B 93 0.71 9.72 -29.83
C ILE B 93 1.76 10.78 -29.52
N GLY B 94 2.33 11.36 -30.56
CA GLY B 94 3.35 12.37 -30.41
C GLY B 94 4.72 11.87 -29.98
N ARG B 95 4.92 10.57 -29.84
CA ARG B 95 6.19 10.03 -29.39
C ARG B 95 6.99 9.48 -30.56
N ARG B 96 8.28 9.24 -30.32
CA ARG B 96 9.15 8.64 -31.32
C ARG B 96 9.38 7.17 -30.97
N PHE B 97 9.70 6.37 -32.00
CA PHE B 97 9.76 4.92 -31.80
C PHE B 97 10.79 4.53 -30.75
N ASP B 98 11.90 5.27 -30.66
CA ASP B 98 12.96 4.94 -29.73
C ASP B 98 12.71 5.43 -28.31
N ASP B 99 11.58 6.07 -28.05
N ASP B 99 11.57 6.08 -28.05
CA ASP B 99 11.26 6.53 -26.70
CA ASP B 99 11.25 6.53 -26.70
C ASP B 99 11.16 5.35 -25.74
C ASP B 99 11.19 5.34 -25.76
N ALA B 100 11.81 5.48 -24.59
CA ALA B 100 11.83 4.39 -23.62
C ALA B 100 10.44 3.98 -23.18
N VAL B 101 9.50 4.94 -23.09
CA VAL B 101 8.14 4.57 -22.69
C VAL B 101 7.46 3.78 -23.80
N VAL B 102 7.80 4.06 -25.07
CA VAL B 102 7.22 3.28 -26.16
C VAL B 102 7.77 1.87 -26.15
N GLN B 103 9.10 1.74 -26.11
CA GLN B 103 9.72 0.42 -26.07
C GLN B 103 9.23 -0.39 -24.87
N SER B 104 8.93 0.27 -23.75
CA SER B 104 8.43 -0.43 -22.59
C SER B 104 6.98 -0.88 -22.77
N ASP B 105 6.12 0.01 -23.29
CA ASP B 105 4.71 -0.31 -23.46
C ASP B 105 4.49 -1.41 -24.50
N MET B 106 5.32 -1.44 -25.57
CA MET B 106 5.13 -2.41 -26.64
C MET B 106 5.15 -3.85 -26.13
N LYS B 107 5.90 -4.11 -25.06
CA LYS B 107 5.98 -5.45 -24.51
C LYS B 107 4.64 -5.98 -24.05
N HIS B 108 3.67 -5.11 -23.74
CA HIS B 108 2.40 -5.53 -23.17
C HIS B 108 1.21 -5.32 -24.11
N TRP B 109 1.46 -5.02 -25.38
CA TRP B 109 0.37 -4.95 -26.36
C TRP B 109 0.41 -6.17 -27.27
N PRO B 110 -0.76 -6.73 -27.61
CA PRO B 110 -0.78 -7.86 -28.57
C PRO B 110 -0.64 -7.44 -30.02
N PHE B 111 -0.89 -6.18 -30.36
CA PHE B 111 -0.71 -5.71 -31.73
C PHE B 111 0.74 -5.28 -31.96
N MET B 112 1.13 -5.27 -33.23
CA MET B 112 2.48 -4.90 -33.61
C MET B 112 2.64 -3.38 -33.67
N VAL B 113 3.76 -2.90 -33.15
CA VAL B 113 4.20 -1.52 -33.37
C VAL B 113 5.51 -1.59 -34.13
N VAL B 114 5.56 -0.92 -35.29
CA VAL B 114 6.76 -0.92 -36.13
C VAL B 114 7.34 0.49 -36.19
N ASN B 115 8.60 0.56 -36.62
CA ASN B 115 9.31 1.83 -36.73
C ASN B 115 9.30 2.28 -38.19
N ASP B 116 8.72 3.44 -38.44
CA ASP B 116 8.79 4.07 -39.75
C ASP B 116 9.55 5.37 -39.61
N ALA B 117 10.80 5.39 -40.10
CA ALA B 117 11.60 6.60 -40.18
C ALA B 117 11.67 7.32 -38.83
N GLY B 118 11.71 6.54 -37.75
CA GLY B 118 11.79 7.06 -36.41
C GLY B 118 10.45 7.17 -35.70
N ARG B 119 9.31 7.12 -36.45
CA ARG B 119 8.03 7.29 -35.77
C ARG B 119 7.32 5.95 -35.62
N PRO B 120 6.64 5.71 -34.49
CA PRO B 120 5.96 4.43 -34.31
C PRO B 120 4.69 4.36 -35.14
N LYS B 121 4.40 3.17 -35.67
CA LYS B 121 3.13 2.91 -36.31
C LYS B 121 2.60 1.57 -35.80
N VAL B 122 1.28 1.47 -35.64
CA VAL B 122 0.67 0.17 -35.39
C VAL B 122 0.47 -0.51 -36.73
N GLN B 123 0.80 -1.79 -36.81
CA GLN B 123 0.66 -2.56 -38.03
C GLN B 123 -0.36 -3.66 -37.77
N VAL B 124 -1.32 -3.82 -38.69
CA VAL B 124 -2.41 -4.79 -38.54
C VAL B 124 -2.69 -5.43 -39.90
N GLU B 125 -3.53 -6.46 -39.87
CA GLU B 125 -4.14 -7.03 -41.06
C GLU B 125 -5.55 -6.47 -41.19
N TYR B 126 -5.89 -6.02 -42.40
CA TYR B 126 -7.15 -5.33 -42.67
C TYR B 126 -7.61 -5.70 -44.07
N LYS B 127 -8.75 -6.38 -44.15
CA LYS B 127 -9.29 -6.88 -45.43
C LYS B 127 -8.23 -7.72 -46.16
N GLY B 128 -7.46 -8.49 -45.39
CA GLY B 128 -6.53 -9.44 -45.95
C GLY B 128 -5.12 -8.94 -46.23
N GLU B 129 -4.84 -7.66 -46.01
CA GLU B 129 -3.53 -7.12 -46.33
C GLU B 129 -2.99 -6.31 -45.15
N THR B 130 -1.66 -6.15 -45.15
CA THR B 130 -0.97 -5.47 -44.06
C THR B 130 -1.06 -3.96 -44.20
N LYS B 131 -1.53 -3.31 -43.13
CA LYS B 131 -1.61 -1.85 -43.09
C LYS B 131 -1.01 -1.36 -41.78
N SER B 132 -0.45 -0.15 -41.85
CA SER B 132 0.11 0.51 -40.67
C SER B 132 -0.51 1.88 -40.52
N PHE B 133 -0.65 2.32 -39.27
CA PHE B 133 -1.29 3.60 -38.95
C PHE B 133 -0.48 4.33 -37.89
N TYR B 134 -0.26 5.62 -38.12
CA TYR B 134 0.32 6.46 -37.07
C TYR B 134 -0.66 6.55 -35.92
N PRO B 135 -0.16 6.81 -34.71
CA PRO B 135 -1.08 6.94 -33.55
C PRO B 135 -2.15 7.99 -33.75
N GLU B 136 -1.82 9.13 -34.34
CA GLU B 136 -2.83 10.15 -34.61
C GLU B 136 -3.88 9.66 -35.61
N GLU B 137 -3.52 8.76 -36.51
CA GLU B 137 -4.54 8.22 -37.40
C GLU B 137 -5.50 7.32 -36.62
N VAL B 138 -4.98 6.51 -35.70
CA VAL B 138 -5.85 5.68 -34.86
C VAL B 138 -6.78 6.56 -34.05
N SER B 139 -6.23 7.57 -33.37
CA SER B 139 -7.08 8.44 -32.56
C SER B 139 -8.06 9.22 -33.41
N SER B 140 -7.68 9.56 -34.65
CA SER B 140 -8.60 10.29 -35.52
C SER B 140 -9.84 9.47 -35.85
N MET B 141 -9.70 8.14 -35.86
CA MET B 141 -10.86 7.28 -36.05
C MET B 141 -11.80 7.33 -34.85
N VAL B 142 -11.23 7.34 -33.64
CA VAL B 142 -12.06 7.57 -32.45
C VAL B 142 -12.72 8.93 -32.53
N LEU B 143 -11.95 9.96 -32.93
CA LEU B 143 -12.51 11.29 -33.09
C LEU B 143 -13.62 11.33 -34.13
N THR B 144 -13.49 10.55 -35.21
CA THR B 144 -14.52 10.51 -36.23
C THR B 144 -15.84 9.99 -35.65
N LYS B 145 -15.77 8.98 -34.80
CA LYS B 145 -16.97 8.47 -34.13
C LYS B 145 -17.57 9.51 -33.20
N MET B 146 -16.73 10.23 -32.42
CA MET B 146 -17.25 11.26 -31.54
C MET B 146 -17.98 12.34 -32.33
N LYS B 147 -17.40 12.75 -33.46
CA LYS B 147 -18.05 13.73 -34.34
C LYS B 147 -19.40 13.23 -34.83
N GLU B 148 -19.48 11.97 -35.28
CA GLU B 148 -20.76 11.43 -35.74
C GLU B 148 -21.76 11.33 -34.59
N ILE B 149 -21.29 10.99 -33.40
CA ILE B 149 -22.18 10.92 -32.23
C ILE B 149 -22.82 12.27 -31.97
N ALA B 150 -21.99 13.33 -31.93
CA ALA B 150 -22.52 14.68 -31.70
C ALA B 150 -23.48 15.12 -32.80
N GLU B 151 -23.16 14.79 -34.06
CA GLU B 151 -24.04 15.18 -35.16
C GLU B 151 -25.35 14.40 -35.13
N ALA B 152 -25.31 13.14 -34.70
CA ALA B 152 -26.56 12.38 -34.59
C ALA B 152 -27.46 13.01 -33.54
N TYR B 153 -26.88 13.52 -32.46
CA TYR B 153 -27.64 14.18 -31.41
C TYR B 153 -28.12 15.57 -31.83
N LEU B 154 -27.26 16.36 -32.47
CA LEU B 154 -27.58 17.75 -32.78
C LEU B 154 -28.37 17.92 -34.06
N GLY B 155 -28.31 16.95 -34.97
CA GLY B 155 -29.00 17.10 -36.24
C GLY B 155 -28.37 18.12 -37.16
N LYS B 156 -27.11 18.48 -36.90
CA LYS B 156 -26.40 19.51 -37.64
C LYS B 156 -24.96 19.07 -37.82
N THR B 157 -24.28 19.69 -38.78
CA THR B 157 -22.87 19.43 -38.95
C THR B 157 -22.09 19.99 -37.76
N VAL B 158 -21.10 19.24 -37.31
CA VAL B 158 -20.23 19.64 -36.20
C VAL B 158 -18.82 19.72 -36.73
N THR B 159 -18.19 20.89 -36.58
N THR B 159 -18.18 20.88 -36.57
CA THR B 159 -16.82 21.06 -37.08
CA THR B 159 -16.83 21.06 -37.08
C THR B 159 -15.88 21.55 -36.00
C THR B 159 -15.88 21.56 -36.00
N ASN B 160 -16.27 22.59 -35.25
CA ASN B 160 -15.39 23.16 -34.24
C ASN B 160 -15.32 22.29 -32.98
N ALA B 161 -14.13 22.15 -32.41
CA ALA B 161 -13.94 21.31 -31.25
C ALA B 161 -12.78 21.82 -30.39
N VAL B 162 -12.89 21.63 -29.09
CA VAL B 162 -11.76 21.75 -28.16
C VAL B 162 -11.44 20.34 -27.68
N VAL B 163 -10.16 19.95 -27.78
CA VAL B 163 -9.73 18.61 -27.41
C VAL B 163 -8.74 18.73 -26.26
N THR B 164 -8.85 17.85 -25.27
CA THR B 164 -8.00 17.93 -24.08
C THR B 164 -6.84 16.93 -24.13
N VAL B 165 -5.80 17.26 -23.36
CA VAL B 165 -4.61 16.42 -23.21
C VAL B 165 -4.13 16.54 -21.78
N PRO B 166 -3.38 15.53 -21.30
CA PRO B 166 -2.74 15.66 -19.98
C PRO B 166 -1.81 16.87 -19.96
N ALA B 167 -1.69 17.47 -18.77
CA ALA B 167 -0.90 18.69 -18.65
C ALA B 167 0.57 18.45 -18.96
N TYR B 168 1.06 17.22 -18.74
CA TYR B 168 2.46 16.88 -18.99
C TYR B 168 2.77 16.59 -20.46
N PHE B 169 1.78 16.55 -21.34
CA PHE B 169 2.04 16.37 -22.77
C PHE B 169 2.90 17.50 -23.31
N ASN B 170 3.89 17.15 -24.14
CA ASN B 170 4.74 18.17 -24.76
C ASN B 170 4.12 18.67 -26.07
N ASP B 171 4.82 19.58 -26.75
CA ASP B 171 4.26 20.16 -27.97
C ASP B 171 4.00 19.10 -29.03
N SER B 172 4.86 18.08 -29.09
CA SER B 172 4.70 17.07 -30.12
C SER B 172 3.46 16.22 -29.85
N GLN B 173 3.22 15.89 -28.59
CA GLN B 173 1.99 15.18 -28.24
C GLN B 173 0.77 16.05 -28.47
N ARG B 174 0.88 17.35 -28.20
CA ARG B 174 -0.25 18.26 -28.45
C ARG B 174 -0.55 18.39 -29.93
N GLN B 175 0.50 18.63 -30.74
CA GLN B 175 0.30 18.76 -32.17
C GLN B 175 -0.26 17.49 -32.78
N ALA B 176 0.19 16.32 -32.32
CA ALA B 176 -0.33 15.08 -32.87
C ALA B 176 -1.78 14.86 -32.46
N THR B 177 -2.17 15.32 -31.27
CA THR B 177 -3.57 15.19 -30.87
C THR B 177 -4.43 16.15 -31.68
N LYS B 178 -3.97 17.38 -31.89
CA LYS B 178 -4.64 18.27 -32.83
C LYS B 178 -4.71 17.66 -34.22
N ASP B 179 -3.59 17.11 -34.69
CA ASP B 179 -3.58 16.47 -36.01
C ASP B 179 -4.66 15.39 -36.12
N ALA B 180 -4.82 14.57 -35.07
CA ALA B 180 -5.87 13.56 -35.08
C ALA B 180 -7.24 14.19 -35.30
N GLY B 181 -7.50 15.33 -34.67
CA GLY B 181 -8.76 16.03 -34.91
C GLY B 181 -8.89 16.52 -36.34
N THR B 182 -7.83 17.11 -36.89
CA THR B 182 -7.88 17.61 -38.26
C THR B 182 -8.17 16.48 -39.26
N ILE B 183 -7.50 15.35 -39.08
CA ILE B 183 -7.75 14.20 -39.96
C ILE B 183 -9.21 13.77 -39.89
N ALA B 184 -9.81 13.86 -38.70
CA ALA B 184 -11.21 13.51 -38.53
C ALA B 184 -12.17 14.57 -39.07
N GLY B 185 -11.66 15.65 -39.66
CA GLY B 185 -12.53 16.72 -40.15
C GLY B 185 -12.91 17.74 -39.11
N LEU B 186 -12.29 17.73 -37.93
CA LEU B 186 -12.56 18.73 -36.91
C LEU B 186 -11.67 19.96 -37.13
N ASN B 187 -12.22 21.11 -36.79
CA ASN B 187 -11.46 22.35 -36.67
C ASN B 187 -11.14 22.50 -35.18
N VAL B 188 -9.93 22.09 -34.80
CA VAL B 188 -9.54 22.10 -33.39
C VAL B 188 -9.27 23.54 -32.99
N LEU B 189 -10.16 24.12 -32.19
CA LEU B 189 -10.01 25.52 -31.82
C LEU B 189 -8.79 25.71 -30.91
N ARG B 190 -8.56 24.75 -30.04
CA ARG B 190 -7.52 24.81 -29.01
C ARG B 190 -7.37 23.45 -28.36
N ILE B 191 -6.13 23.10 -28.04
CA ILE B 191 -5.80 21.97 -27.18
C ILE B 191 -5.63 22.53 -25.77
N ILE B 192 -6.36 21.99 -24.79
CA ILE B 192 -6.26 22.49 -23.42
C ILE B 192 -6.00 21.32 -22.47
N ASN B 193 -5.33 21.61 -21.35
CA ASN B 193 -4.99 20.55 -20.39
C ASN B 193 -6.23 20.00 -19.72
N GLU B 194 -6.25 18.69 -19.52
CA GLU B 194 -7.33 18.04 -18.76
C GLU B 194 -7.59 18.68 -17.41
N PRO B 195 -6.59 18.96 -16.56
CA PRO B 195 -6.91 19.59 -15.27
C PRO B 195 -7.50 20.98 -15.42
N THR B 196 -7.11 21.72 -16.46
CA THR B 196 -7.72 23.01 -16.73
C THR B 196 -9.19 22.84 -17.09
N ALA B 197 -9.47 21.92 -18.01
CA ALA B 197 -10.86 21.62 -18.36
C ALA B 197 -11.68 21.32 -17.12
N ALA B 198 -11.13 20.50 -16.21
CA ALA B 198 -11.86 20.15 -14.98
C ALA B 198 -12.14 21.37 -14.12
N ALA B 199 -11.17 22.28 -14.02
CA ALA B 199 -11.36 23.45 -13.17
C ALA B 199 -12.35 24.42 -13.79
N ILE B 200 -12.32 24.57 -15.11
CA ILE B 200 -13.32 25.38 -15.80
C ILE B 200 -14.71 24.83 -15.56
N ALA B 201 -14.86 23.50 -15.61
CA ALA B 201 -16.15 22.87 -15.38
C ALA B 201 -16.79 23.34 -14.08
N TYR B 202 -15.99 23.53 -13.04
CA TYR B 202 -16.46 23.93 -11.73
C TYR B 202 -16.37 25.43 -11.51
N GLY B 203 -16.08 26.20 -12.55
CA GLY B 203 -15.97 27.65 -12.42
C GLY B 203 -14.89 28.10 -11.47
N LEU B 204 -13.81 27.33 -11.33
CA LEU B 204 -12.80 27.69 -10.33
C LEU B 204 -11.94 28.87 -10.74
N ASP B 205 -12.07 29.34 -11.98
CA ASP B 205 -11.41 30.55 -12.43
C ASP B 205 -12.28 31.78 -12.30
N LYS B 206 -13.54 31.63 -11.86
CA LYS B 206 -14.49 32.73 -11.84
C LYS B 206 -14.98 33.07 -10.43
N LYS B 207 -14.24 32.67 -9.39
CA LYS B 207 -14.64 32.96 -8.02
C LYS B 207 -14.16 34.34 -7.61
N VAL B 208 -14.98 35.03 -6.82
CA VAL B 208 -14.63 36.38 -6.38
C VAL B 208 -13.53 36.27 -5.33
N GLY B 209 -12.32 36.67 -5.70
CA GLY B 209 -11.20 36.62 -4.77
C GLY B 209 -9.88 36.67 -5.55
N ALA B 210 -8.81 36.34 -4.83
CA ALA B 210 -7.47 36.30 -5.40
C ALA B 210 -7.17 34.91 -5.94
N GLU B 211 -6.01 34.36 -5.60
CA GLU B 211 -5.65 33.08 -6.20
C GLU B 211 -6.38 31.93 -5.51
N ARG B 212 -6.53 30.84 -6.26
CA ARG B 212 -7.07 29.58 -5.75
C ARG B 212 -6.11 28.46 -6.09
N ASN B 213 -5.74 27.68 -5.09
CA ASN B 213 -4.92 26.49 -5.27
C ASN B 213 -5.85 25.28 -5.44
N VAL B 214 -5.72 24.59 -6.56
CA VAL B 214 -6.66 23.54 -6.92
C VAL B 214 -5.89 22.24 -7.12
N LEU B 215 -6.35 21.18 -6.46
CA LEU B 215 -5.77 19.85 -6.67
C LEU B 215 -6.74 19.04 -7.52
N ILE B 216 -6.25 18.52 -8.64
N ILE B 216 -6.26 18.54 -8.65
CA ILE B 216 -7.04 17.68 -9.54
CA ILE B 216 -7.05 17.69 -9.54
C ILE B 216 -6.60 16.24 -9.32
C ILE B 216 -6.61 16.25 -9.30
N PHE B 217 -7.53 15.41 -8.83
CA PHE B 217 -7.28 14.00 -8.54
C PHE B 217 -7.96 13.22 -9.66
N ASP B 218 -7.17 12.73 -10.62
CA ASP B 218 -7.68 12.13 -11.85
C ASP B 218 -7.31 10.65 -11.91
N LEU B 219 -8.25 9.77 -11.64
CA LEU B 219 -8.00 8.33 -11.70
C LEU B 219 -8.97 7.72 -12.72
N GLY B 220 -8.44 7.35 -13.87
CA GLY B 220 -9.24 6.83 -14.97
C GLY B 220 -9.18 5.32 -15.09
N GLY B 221 -9.29 4.85 -16.33
CA GLY B 221 -9.19 3.42 -16.58
C GLY B 221 -7.76 2.92 -16.64
N GLY B 222 -6.83 3.74 -17.12
CA GLY B 222 -5.46 3.28 -17.22
C GLY B 222 -4.39 4.14 -16.56
N THR B 223 -4.73 5.35 -16.11
CA THR B 223 -3.72 6.30 -15.66
C THR B 223 -4.21 7.02 -14.40
N PHE B 224 -3.25 7.48 -13.60
CA PHE B 224 -3.52 8.24 -12.39
C PHE B 224 -2.74 9.54 -12.50
N ASP B 225 -3.45 10.67 -12.58
CA ASP B 225 -2.84 11.98 -12.73
C ASP B 225 -3.21 12.87 -11.55
N VAL B 226 -2.22 13.39 -10.85
CA VAL B 226 -2.42 14.41 -9.83
C VAL B 226 -1.84 15.72 -10.36
N SER B 227 -2.62 16.79 -10.29
CA SER B 227 -2.20 18.10 -10.79
C SER B 227 -2.56 19.12 -9.74
N ILE B 228 -1.64 20.05 -9.49
CA ILE B 228 -1.91 21.20 -8.63
C ILE B 228 -1.79 22.46 -9.50
N LEU B 229 -2.89 23.19 -9.61
CA LEU B 229 -2.93 24.46 -10.31
C LEU B 229 -3.10 25.59 -9.30
N THR B 230 -2.47 26.72 -9.57
CA THR B 230 -2.80 27.98 -8.90
C THR B 230 -3.44 28.89 -9.95
N ILE B 231 -4.74 29.15 -9.80
CA ILE B 231 -5.49 29.92 -10.77
C ILE B 231 -5.59 31.36 -10.27
N GLU B 232 -5.15 32.30 -11.10
CA GLU B 232 -5.30 33.72 -10.79
C GLU B 232 -5.20 34.52 -12.09
N ASP B 233 -6.06 35.53 -12.23
CA ASP B 233 -6.06 36.41 -13.39
C ASP B 233 -6.22 35.61 -14.69
N GLY B 234 -7.05 34.58 -14.65
CA GLY B 234 -7.28 33.74 -15.81
C GLY B 234 -6.11 32.89 -16.24
N ILE B 235 -5.06 32.83 -15.43
CA ILE B 235 -3.90 32.00 -15.71
C ILE B 235 -4.03 30.72 -14.90
N PHE B 236 -3.94 29.58 -15.58
CA PHE B 236 -3.97 28.26 -14.94
C PHE B 236 -2.52 27.80 -14.81
N GLU B 237 -1.87 28.26 -13.76
CA GLU B 237 -0.46 27.94 -13.54
C GLU B 237 -0.33 26.54 -12.98
N VAL B 238 0.33 25.64 -13.72
CA VAL B 238 0.57 24.28 -13.24
C VAL B 238 1.74 24.33 -12.27
N LYS B 239 1.46 24.05 -10.99
CA LYS B 239 2.51 24.07 -9.98
C LYS B 239 3.24 22.75 -9.88
N SER B 240 2.55 21.64 -10.10
CA SER B 240 3.16 20.32 -9.98
C SER B 240 2.25 19.30 -10.64
N THR B 241 2.85 18.22 -11.12
CA THR B 241 2.14 17.04 -11.59
C THR B 241 2.81 15.81 -10.98
N ALA B 242 2.01 14.80 -10.67
CA ALA B 242 2.51 13.53 -10.15
C ALA B 242 1.50 12.44 -10.51
N GLY B 243 1.84 11.20 -10.19
CA GLY B 243 0.89 10.13 -10.43
C GLY B 243 1.56 8.87 -10.92
N ASP B 244 0.82 8.07 -11.68
CA ASP B 244 1.30 6.76 -12.13
C ASP B 244 0.64 6.50 -13.48
N THR B 245 1.43 6.47 -14.55
CA THR B 245 0.91 6.30 -15.90
C THR B 245 0.33 4.90 -16.13
N HIS B 246 0.53 3.97 -15.20
CA HIS B 246 0.09 2.60 -15.36
C HIS B 246 -0.69 2.13 -14.13
N LEU B 247 -1.50 3.02 -13.57
CA LEU B 247 -2.43 2.70 -12.49
C LEU B 247 -3.79 3.25 -12.86
N GLY B 248 -4.80 2.39 -12.95
CA GLY B 248 -6.14 2.83 -13.25
C GLY B 248 -7.15 1.74 -12.94
N GLY B 249 -8.41 2.01 -13.29
CA GLY B 249 -9.48 1.07 -12.95
C GLY B 249 -9.22 -0.33 -13.49
N GLU B 250 -8.47 -0.44 -14.58
CA GLU B 250 -8.19 -1.76 -15.15
C GLU B 250 -7.36 -2.61 -14.21
N ASP B 251 -6.46 -2.00 -13.44
CA ASP B 251 -5.74 -2.76 -12.42
C ASP B 251 -6.70 -3.31 -11.38
N PHE B 252 -7.74 -2.55 -11.01
CA PHE B 252 -8.69 -3.08 -10.05
C PHE B 252 -9.50 -4.22 -10.66
N ASP B 253 -9.88 -4.07 -11.93
CA ASP B 253 -10.54 -5.17 -12.65
C ASP B 253 -9.66 -6.42 -12.67
N ASN B 254 -8.34 -6.25 -12.89
CA ASN B 254 -7.42 -7.38 -12.96
CA ASN B 254 -7.47 -7.41 -12.97
C ASN B 254 -7.43 -8.15 -11.64
N ARG B 255 -7.40 -7.42 -10.52
CA ARG B 255 -7.41 -8.08 -9.22
C ARG B 255 -8.69 -8.88 -9.03
N MET B 256 -9.82 -8.35 -9.51
CA MET B 256 -11.06 -9.11 -9.46
C MET B 256 -11.00 -10.34 -10.34
N VAL B 257 -10.46 -10.21 -11.56
CA VAL B 257 -10.41 -11.33 -12.49
C VAL B 257 -9.60 -12.48 -11.90
N ASN B 258 -8.44 -12.15 -11.32
CA ASN B 258 -7.62 -13.19 -10.71
C ASN B 258 -8.34 -13.82 -9.53
N HIS B 259 -9.05 -13.00 -8.74
CA HIS B 259 -9.87 -13.50 -7.65
C HIS B 259 -10.86 -14.57 -8.12
N PHE B 260 -11.57 -14.30 -9.23
CA PHE B 260 -12.57 -15.26 -9.68
C PHE B 260 -12.00 -16.41 -10.48
N ILE B 261 -10.83 -16.23 -11.10
CA ILE B 261 -10.18 -17.36 -11.77
C ILE B 261 -9.78 -18.41 -10.74
N ALA B 262 -9.26 -17.97 -9.59
CA ALA B 262 -8.92 -18.89 -8.51
C ALA B 262 -10.18 -19.56 -7.95
N GLU B 263 -11.28 -18.82 -7.81
CA GLU B 263 -12.53 -19.41 -7.37
C GLU B 263 -13.00 -20.51 -8.31
N PHE B 264 -13.11 -20.20 -9.62
CA PHE B 264 -13.56 -21.18 -10.59
C PHE B 264 -12.67 -22.43 -10.59
N LYS B 265 -11.36 -22.23 -10.40
CA LYS B 265 -10.44 -23.36 -10.31
C LYS B 265 -10.75 -24.22 -9.07
N ARG B 266 -11.09 -23.59 -7.94
CA ARG B 266 -11.43 -24.37 -6.75
C ARG B 266 -12.73 -25.14 -6.93
N LYS B 267 -13.72 -24.53 -7.56
CA LYS B 267 -15.02 -25.18 -7.64
C LYS B 267 -15.06 -26.26 -8.71
N HIS B 268 -14.43 -26.02 -9.87
CA HIS B 268 -14.60 -26.92 -11.02
C HIS B 268 -13.31 -27.59 -11.47
N LYS B 269 -12.19 -27.33 -10.81
CA LYS B 269 -10.89 -27.90 -11.19
C LYS B 269 -10.55 -27.59 -12.65
N LYS B 270 -10.93 -26.39 -13.09
CA LYS B 270 -10.58 -25.89 -14.41
C LYS B 270 -9.84 -24.58 -14.26
N ASP B 271 -8.74 -24.43 -15.00
CA ASP B 271 -8.00 -23.18 -15.11
C ASP B 271 -8.41 -22.52 -16.41
N ILE B 272 -9.17 -21.42 -16.32
CA ILE B 272 -9.70 -20.80 -17.52
C ILE B 272 -8.73 -19.78 -18.14
N SER B 273 -7.52 -19.63 -17.58
CA SER B 273 -6.64 -18.52 -17.96
C SER B 273 -6.33 -18.49 -19.45
N GLU B 274 -6.21 -19.65 -20.11
CA GLU B 274 -5.83 -19.72 -21.51
C GLU B 274 -6.98 -19.49 -22.47
N ASN B 275 -8.21 -19.50 -21.98
CA ASN B 275 -9.39 -19.31 -22.81
C ASN B 275 -9.64 -17.82 -22.82
N LYS B 276 -9.12 -17.15 -23.86
CA LYS B 276 -9.20 -15.69 -23.96
C LYS B 276 -10.65 -15.19 -23.92
N ARG B 277 -11.54 -15.89 -24.65
CA ARG B 277 -12.93 -15.46 -24.61
CA ARG B 277 -12.95 -15.52 -24.62
C ARG B 277 -13.52 -15.61 -23.21
N ALA B 278 -13.23 -16.70 -22.51
CA ALA B 278 -13.74 -16.86 -21.14
C ALA B 278 -13.22 -15.75 -20.22
N VAL B 279 -11.92 -15.47 -20.27
CA VAL B 279 -11.34 -14.44 -19.42
C VAL B 279 -11.94 -13.08 -19.74
N ARG B 280 -12.14 -12.79 -21.03
N ARG B 280 -12.14 -12.79 -21.03
CA ARG B 280 -12.69 -11.49 -21.42
CA ARG B 280 -12.70 -11.50 -21.44
C ARG B 280 -14.11 -11.31 -20.88
C ARG B 280 -14.11 -11.31 -20.90
N ARG B 281 -14.94 -12.35 -20.98
CA ARG B 281 -16.30 -12.25 -20.46
C ARG B 281 -16.30 -12.12 -18.94
N LEU B 282 -15.38 -12.81 -18.26
CA LEU B 282 -15.20 -12.61 -16.84
C LEU B 282 -14.73 -11.20 -16.54
N ARG B 283 -13.79 -10.69 -17.35
CA ARG B 283 -13.33 -9.32 -17.14
C ARG B 283 -14.47 -8.32 -17.30
N THR B 284 -15.32 -8.52 -18.32
CA THR B 284 -16.41 -7.59 -18.54
C THR B 284 -17.39 -7.61 -17.36
N ALA B 285 -17.71 -8.81 -16.85
CA ALA B 285 -18.56 -8.90 -15.68
C ALA B 285 -17.92 -8.23 -14.46
N CYS B 286 -16.60 -8.38 -14.30
CA CYS B 286 -15.91 -7.77 -13.16
C CYS B 286 -15.98 -6.24 -13.19
N GLU B 287 -15.73 -5.65 -14.36
N GLU B 287 -15.74 -5.65 -14.36
CA GLU B 287 -15.83 -4.19 -14.47
CA GLU B 287 -15.83 -4.20 -14.50
C GLU B 287 -17.25 -3.71 -14.15
C GLU B 287 -17.24 -3.71 -14.18
N ARG B 288 -18.26 -4.42 -14.65
CA ARG B 288 -19.63 -4.04 -14.35
C ARG B 288 -19.92 -4.15 -12.86
N ALA B 289 -19.53 -5.28 -12.23
CA ALA B 289 -19.70 -5.44 -10.79
C ALA B 289 -18.97 -4.33 -10.02
N LYS B 290 -17.75 -3.99 -10.44
CA LYS B 290 -17.03 -2.90 -9.80
C LYS B 290 -17.85 -1.62 -9.78
N ARG B 291 -18.40 -1.23 -10.94
CA ARG B 291 -19.19 0.00 -11.02
C ARG B 291 -20.37 -0.06 -10.05
N THR B 292 -21.08 -1.17 -10.05
CA THR B 292 -22.21 -1.39 -9.14
C THR B 292 -21.80 -1.25 -7.69
N LEU B 293 -20.60 -1.71 -7.33
CA LEU B 293 -20.13 -1.59 -5.95
C LEU B 293 -19.83 -0.15 -5.54
N SER B 294 -19.87 0.80 -6.47
CA SER B 294 -19.76 2.19 -6.05
C SER B 294 -21.07 2.75 -5.51
N SER B 295 -22.19 2.08 -5.81
N SER B 295 -22.19 2.09 -5.80
CA SER B 295 -23.50 2.53 -5.36
CA SER B 295 -23.49 2.53 -5.33
C SER B 295 -24.22 1.50 -4.49
C SER B 295 -24.24 1.50 -4.50
N SER B 296 -23.72 0.27 -4.41
CA SER B 296 -24.33 -0.79 -3.63
C SER B 296 -23.21 -1.51 -2.87
N THR B 297 -23.57 -2.20 -1.78
CA THR B 297 -22.56 -2.93 -1.02
C THR B 297 -22.37 -4.36 -1.51
N GLN B 298 -23.07 -4.77 -2.56
CA GLN B 298 -22.88 -6.11 -3.12
C GLN B 298 -23.21 -6.07 -4.62
N ALA B 299 -22.71 -7.07 -5.34
CA ALA B 299 -22.89 -7.10 -6.78
C ALA B 299 -22.93 -8.55 -7.24
N SER B 300 -23.77 -8.84 -8.22
CA SER B 300 -23.94 -10.19 -8.75
C SER B 300 -23.09 -10.38 -10.00
N ILE B 301 -22.44 -11.54 -10.10
CA ILE B 301 -21.71 -11.96 -11.29
C ILE B 301 -22.52 -13.06 -11.95
N GLU B 302 -22.93 -12.85 -13.20
CA GLU B 302 -23.88 -13.75 -13.87
C GLU B 302 -23.39 -14.03 -15.28
N ILE B 303 -22.78 -15.19 -15.50
CA ILE B 303 -22.21 -15.54 -16.80
C ILE B 303 -22.69 -16.93 -17.18
N ASP B 304 -23.53 -17.02 -18.21
CA ASP B 304 -23.91 -18.33 -18.73
C ASP B 304 -22.76 -18.92 -19.53
N SER B 305 -22.54 -20.22 -19.34
CA SER B 305 -21.55 -20.98 -20.11
C SER B 305 -20.23 -20.21 -20.18
N LEU B 306 -19.68 -19.93 -19.00
CA LEU B 306 -18.38 -19.26 -18.95
C LEU B 306 -17.30 -20.14 -19.57
N TYR B 307 -17.36 -21.44 -19.32
CA TYR B 307 -16.28 -22.35 -19.71
C TYR B 307 -16.86 -23.75 -19.83
N GLU B 308 -16.79 -24.34 -21.03
CA GLU B 308 -17.33 -25.69 -21.25
C GLU B 308 -18.79 -25.79 -20.84
N GLY B 309 -19.57 -24.76 -21.14
CA GLY B 309 -20.97 -24.76 -20.76
C GLY B 309 -21.24 -24.60 -19.28
N ILE B 310 -20.23 -24.32 -18.48
CA ILE B 310 -20.42 -24.19 -17.03
C ILE B 310 -20.78 -22.74 -16.74
N ASP B 311 -21.96 -22.52 -16.16
CA ASP B 311 -22.36 -21.19 -15.74
C ASP B 311 -21.55 -20.76 -14.52
N PHE B 312 -21.34 -19.47 -14.40
CA PHE B 312 -20.64 -18.89 -13.25
C PHE B 312 -21.57 -17.83 -12.67
N TYR B 313 -22.32 -18.18 -11.63
CA TYR B 313 -23.20 -17.25 -10.93
C TYR B 313 -22.69 -17.12 -9.50
N THR B 314 -22.20 -15.94 -9.14
CA THR B 314 -21.68 -15.72 -7.80
C THR B 314 -21.90 -14.25 -7.44
N SER B 315 -21.20 -13.76 -6.43
CA SER B 315 -21.34 -12.37 -6.03
C SER B 315 -20.05 -11.92 -5.35
N ILE B 316 -19.97 -10.62 -5.09
CA ILE B 316 -18.84 -10.04 -4.39
C ILE B 316 -19.36 -8.84 -3.61
N THR B 317 -18.86 -8.68 -2.39
CA THR B 317 -19.22 -7.55 -1.54
C THR B 317 -18.30 -6.38 -1.81
N ARG B 318 -18.75 -5.20 -1.40
CA ARG B 318 -17.88 -4.03 -1.49
C ARG B 318 -16.59 -4.26 -0.69
N ALA B 319 -16.71 -4.89 0.48
CA ALA B 319 -15.55 -5.09 1.36
C ALA B 319 -14.52 -5.98 0.70
N ARG B 320 -14.95 -7.06 0.06
CA ARG B 320 -13.98 -7.92 -0.63
C ARG B 320 -13.30 -7.17 -1.76
N PHE B 321 -14.05 -6.39 -2.54
CA PHE B 321 -13.45 -5.60 -3.63
C PHE B 321 -12.42 -4.62 -3.08
N GLU B 322 -12.77 -3.93 -1.98
CA GLU B 322 -11.81 -3.04 -1.33
C GLU B 322 -10.58 -3.80 -0.82
N GLU B 323 -10.80 -4.99 -0.25
CA GLU B 323 -9.69 -5.76 0.29
C GLU B 323 -8.76 -6.23 -0.82
N LEU B 324 -9.32 -6.62 -1.96
CA LEU B 324 -8.52 -7.07 -3.09
C LEU B 324 -7.63 -5.96 -3.64
N ASN B 325 -7.97 -4.71 -3.37
CA ASN B 325 -7.30 -3.56 -3.96
C ASN B 325 -6.72 -2.62 -2.91
N ALA B 326 -6.59 -3.08 -1.66
CA ALA B 326 -6.27 -2.20 -0.56
C ALA B 326 -4.95 -1.46 -0.78
N ASP B 327 -3.91 -2.18 -1.22
CA ASP B 327 -2.61 -1.54 -1.44
C ASP B 327 -2.68 -0.52 -2.56
N LEU B 328 -3.40 -0.83 -3.64
CA LEU B 328 -3.46 0.09 -4.77
C LEU B 328 -4.18 1.37 -4.38
N PHE B 329 -5.27 1.25 -3.61
CA PHE B 329 -6.04 2.43 -3.20
C PHE B 329 -5.19 3.33 -2.31
N ARG B 330 -4.60 2.78 -1.24
N ARG B 330 -4.61 2.77 -1.24
CA ARG B 330 -3.76 3.58 -0.35
CA ARG B 330 -3.74 3.52 -0.35
C ARG B 330 -2.57 4.18 -1.08
C ARG B 330 -2.61 4.19 -1.11
N GLY B 331 -2.02 3.47 -2.07
CA GLY B 331 -0.91 4.00 -2.84
C GLY B 331 -1.21 5.29 -3.57
N THR B 332 -2.49 5.59 -3.87
CA THR B 332 -2.77 6.85 -4.57
C THR B 332 -2.38 8.09 -3.76
N LEU B 333 -2.15 7.94 -2.45
CA LEU B 333 -1.88 9.10 -1.61
C LEU B 333 -0.42 9.55 -1.67
N ASP B 334 0.51 8.66 -2.00
CA ASP B 334 1.90 9.08 -2.15
C ASP B 334 2.07 10.11 -3.27
N PRO B 335 1.48 9.95 -4.48
CA PRO B 335 1.58 11.03 -5.47
C PRO B 335 0.89 12.33 -5.05
N VAL B 336 -0.15 12.29 -4.22
CA VAL B 336 -0.73 13.53 -3.69
C VAL B 336 0.28 14.25 -2.82
N GLU B 337 0.96 13.51 -1.94
CA GLU B 337 1.95 14.15 -1.06
C GLU B 337 3.09 14.73 -1.87
N LYS B 338 3.56 13.99 -2.87
CA LYS B 338 4.65 14.48 -3.71
C LYS B 338 4.25 15.73 -4.49
N ALA B 339 3.00 15.78 -4.97
CA ALA B 339 2.55 16.95 -5.70
C ALA B 339 2.50 18.18 -4.80
N LEU B 340 2.00 18.01 -3.56
CA LEU B 340 1.96 19.12 -2.62
C LEU B 340 3.37 19.61 -2.30
N ARG B 341 4.29 18.67 -2.11
CA ARG B 341 5.69 19.00 -1.84
C ARG B 341 6.30 19.77 -3.01
N ASP B 342 6.08 19.27 -4.24
CA ASP B 342 6.67 19.96 -5.39
C ASP B 342 6.03 21.31 -5.63
N ALA B 343 4.74 21.45 -5.32
CA ALA B 343 4.08 22.75 -5.38
C ALA B 343 4.45 23.67 -4.24
N LYS B 344 5.17 23.17 -3.24
CA LYS B 344 5.50 23.93 -2.02
C LYS B 344 4.23 24.47 -1.35
N LEU B 345 3.23 23.59 -1.19
CA LEU B 345 1.98 23.93 -0.53
C LEU B 345 1.70 22.91 0.57
N ASP B 346 1.17 23.37 1.69
CA ASP B 346 0.63 22.48 2.69
C ASP B 346 -0.78 22.05 2.26
N LYS B 347 -1.21 20.87 2.73
CA LYS B 347 -2.53 20.40 2.32
C LYS B 347 -3.61 21.40 2.68
N SER B 348 -3.40 22.19 3.74
CA SER B 348 -4.41 23.16 4.15
C SER B 348 -4.47 24.37 3.22
N GLN B 349 -3.49 24.56 2.35
CA GLN B 349 -3.52 25.66 1.40
C GLN B 349 -4.28 25.32 0.12
N ILE B 350 -4.79 24.11 -0.02
CA ILE B 350 -5.59 23.72 -1.17
C ILE B 350 -7.01 24.28 -1.00
N HIS B 351 -7.44 25.14 -1.92
CA HIS B 351 -8.78 25.70 -1.88
C HIS B 351 -9.82 24.72 -2.36
N ASP B 352 -9.53 23.98 -3.42
CA ASP B 352 -10.50 23.10 -4.04
C ASP B 352 -9.84 21.77 -4.41
N ILE B 353 -10.56 20.68 -4.12
CA ILE B 353 -10.19 19.34 -4.57
C ILE B 353 -11.24 18.90 -5.57
N VAL B 354 -10.80 18.48 -6.77
CA VAL B 354 -11.70 18.08 -7.84
C VAL B 354 -11.42 16.62 -8.19
N LEU B 355 -12.48 15.82 -8.19
CA LEU B 355 -12.40 14.43 -8.63
C LEU B 355 -12.63 14.32 -10.14
N VAL B 356 -11.73 13.62 -10.82
CA VAL B 356 -11.80 13.42 -12.26
C VAL B 356 -11.56 11.94 -12.55
N GLY B 357 -12.22 11.43 -13.58
CA GLY B 357 -11.95 10.04 -13.89
C GLY B 357 -12.96 9.10 -13.24
N GLY B 358 -13.28 8.02 -13.95
CA GLY B 358 -14.36 7.16 -13.51
C GLY B 358 -14.06 6.44 -12.20
N SER B 359 -12.78 6.16 -11.94
CA SER B 359 -12.40 5.42 -10.74
C SER B 359 -12.55 6.23 -9.47
N THR B 360 -12.74 7.56 -9.56
CA THR B 360 -12.91 8.35 -8.34
C THR B 360 -14.33 8.26 -7.80
N ARG B 361 -15.21 7.55 -8.49
CA ARG B 361 -16.50 7.24 -7.91
C ARG B 361 -16.42 6.14 -6.85
N ILE B 362 -15.30 5.44 -6.74
CA ILE B 362 -15.13 4.36 -5.76
C ILE B 362 -15.19 4.94 -4.35
N PRO B 363 -16.16 4.55 -3.53
CA PRO B 363 -16.28 5.16 -2.18
C PRO B 363 -15.00 5.12 -1.35
N LYS B 364 -14.23 4.03 -1.41
CA LYS B 364 -13.04 3.96 -0.57
C LYS B 364 -11.98 4.97 -1.02
N ILE B 365 -11.88 5.22 -2.33
CA ILE B 365 -10.93 6.21 -2.81
C ILE B 365 -11.33 7.60 -2.34
N GLN B 366 -12.61 7.94 -2.45
CA GLN B 366 -13.07 9.23 -1.90
C GLN B 366 -12.79 9.33 -0.41
N LYS B 367 -13.06 8.26 0.34
CA LYS B 367 -12.81 8.29 1.79
C LYS B 367 -11.33 8.52 2.08
N LEU B 368 -10.45 7.78 1.39
CA LEU B 368 -9.01 7.96 1.59
C LEU B 368 -8.58 9.39 1.30
N LEU B 369 -9.07 9.97 0.20
CA LEU B 369 -8.65 11.32 -0.18
C LEU B 369 -9.22 12.37 0.78
N GLN B 370 -10.49 12.23 1.13
CA GLN B 370 -11.09 13.17 2.07
C GLN B 370 -10.44 13.06 3.45
N ASP B 371 -10.21 11.83 3.93
CA ASP B 371 -9.49 11.67 5.20
C ASP B 371 -8.11 12.29 5.12
N PHE B 372 -7.40 12.08 4.00
CA PHE B 372 -6.08 12.70 3.81
C PHE B 372 -6.14 14.20 4.02
N PHE B 373 -7.21 14.85 3.54
CA PHE B 373 -7.40 16.29 3.71
C PHE B 373 -8.20 16.63 4.95
N ASN B 374 -8.20 15.73 5.94
CA ASN B 374 -8.81 15.96 7.25
C ASN B 374 -10.25 16.49 7.13
N GLY B 375 -11.04 15.81 6.30
CA GLY B 375 -12.46 16.05 6.24
C GLY B 375 -12.94 17.01 5.17
N LYS B 376 -12.03 17.65 4.44
CA LYS B 376 -12.44 18.63 3.44
C LYS B 376 -13.37 17.99 2.40
N GLU B 377 -14.42 18.73 2.03
CA GLU B 377 -15.35 18.23 1.02
C GLU B 377 -14.70 18.27 -0.35
N LEU B 378 -15.04 17.27 -1.17
CA LEU B 378 -14.54 17.11 -2.53
C LEU B 378 -15.57 17.63 -3.52
N ASN B 379 -15.08 18.21 -4.62
CA ASN B 379 -15.95 18.59 -5.73
C ASN B 379 -16.22 17.36 -6.57
N LYS B 380 -17.45 16.90 -6.54
CA LYS B 380 -17.81 15.67 -7.25
C LYS B 380 -19.22 15.71 -7.82
N SER B 381 -19.90 16.85 -7.76
CA SER B 381 -21.27 16.93 -8.27
C SER B 381 -21.33 16.73 -9.80
N ILE B 382 -20.28 17.11 -10.53
CA ILE B 382 -20.18 16.73 -11.95
C ILE B 382 -19.60 15.33 -12.02
N ASN B 383 -20.28 14.43 -12.75
CA ASN B 383 -19.80 13.07 -12.93
C ASN B 383 -18.30 13.09 -13.26
N PRO B 384 -17.44 12.51 -12.41
CA PRO B 384 -16.00 12.68 -12.63
C PRO B 384 -15.50 12.21 -13.98
N ASP B 385 -16.01 11.10 -14.52
CA ASP B 385 -15.57 10.71 -15.85
C ASP B 385 -16.11 11.64 -16.95
N GLU B 386 -16.98 12.58 -16.62
CA GLU B 386 -17.49 13.56 -17.58
C GLU B 386 -16.93 14.95 -17.39
N ALA B 387 -16.19 15.21 -16.30
CA ALA B 387 -15.84 16.57 -15.92
C ALA B 387 -14.93 17.24 -16.95
N VAL B 388 -14.00 16.49 -17.55
CA VAL B 388 -13.07 17.09 -18.49
C VAL B 388 -13.80 17.47 -19.78
N ALA B 389 -14.67 16.59 -20.28
CA ALA B 389 -15.44 16.92 -21.48
C ALA B 389 -16.38 18.08 -21.22
N TYR B 390 -16.96 18.13 -20.02
CA TYR B 390 -17.78 19.26 -19.60
C TYR B 390 -17.03 20.57 -19.75
N GLY B 391 -15.82 20.63 -19.19
CA GLY B 391 -15.03 21.86 -19.25
C GLY B 391 -14.57 22.18 -20.65
N ALA B 392 -14.22 21.16 -21.43
CA ALA B 392 -13.86 21.38 -22.82
C ALA B 392 -15.05 21.96 -23.60
N ALA B 393 -16.26 21.50 -23.28
CA ALA B 393 -17.46 22.01 -23.94
C ALA B 393 -17.69 23.48 -23.64
N VAL B 394 -17.59 23.85 -22.36
CA VAL B 394 -17.69 25.26 -21.97
C VAL B 394 -16.63 26.08 -22.69
N GLN B 395 -15.39 25.59 -22.72
CA GLN B 395 -14.32 26.33 -23.38
C GLN B 395 -14.58 26.43 -24.88
N ALA B 396 -15.13 25.36 -25.48
CA ALA B 396 -15.43 25.39 -26.90
C ALA B 396 -16.45 26.46 -27.22
N ALA B 397 -17.46 26.61 -26.37
CA ALA B 397 -18.47 27.65 -26.56
C ALA B 397 -17.86 29.04 -26.41
N ILE B 398 -16.97 29.21 -25.44
CA ILE B 398 -16.30 30.50 -25.23
C ILE B 398 -15.53 30.91 -26.49
N LEU B 399 -14.92 29.95 -27.18
CA LEU B 399 -14.05 30.27 -28.29
C LEU B 399 -14.75 30.26 -29.64
N SER B 400 -15.98 29.79 -29.70
CA SER B 400 -16.65 29.63 -30.98
C SER B 400 -17.48 30.86 -31.30
#